data_4YSJ
#
_entry.id   4YSJ
#
_cell.length_a   93.536
_cell.length_b   108.415
_cell.length_c   109.800
_cell.angle_alpha   90.000
_cell.angle_beta   90.000
_cell.angle_gamma   90.000
#
_symmetry.space_group_name_H-M   'P 21 21 21'
#
loop_
_entity.id
_entity.type
_entity.pdbx_description
1 polymer 'Calmodulin-like domain protein kinase'
2 non-polymer 'CALCIUM ION'
3 non-polymer 'MAGNESIUM ION'
4 non-polymer "ADENOSINE-5'-DIPHOSPHATE"
5 water water
#
_entity_poly.entity_id   1
_entity_poly.type   'polypeptide(L)'
_entity_poly.pdbx_seq_one_letter_code
;GPGSPAASKSDKLAATPGMFVQHSTAAFSDRYKGQRVLGKGSFGEVILCKDKVTGQEYAVKVISKRQVKQKTDKELLLKE
VELLKKLDHPNIMKLYEFFEDKGYFYLVTEVYTGGELFDEIISRKRFSEVDAARIIRQVLSGITYMHKNKIVHRDLKPEN
LLLENKRKDANIRIIDFGLSTHFESTKKMKDKIGTAYYIAPEVLHGTYDEKCDVWSTGVILYILLSGCPPFNGANEFDIL
KKVEKGKFTFDLPQWKKVSEPAKDLIRKMLAYVPTMRISARDALEHEWLKTTDAATDSIDVPSLESTILNIRQFQGTQKL
AAAALLYMGSKLTTNEETVELNKIFQRMDKNGDGQLDKQELMEGYVELMKLKGEDVSALDQSAIEFEVEQVLDAVDFDKN
GFIEYSEFVTVAMDRKTLLSRQRLERAFGMFDADGSGKISSSELATIFGVSEVDSETWRRVLAEVDRNNDGEVDFEEFRQ
MLLKLCGDTAA
;
_entity_poly.pdbx_strand_id   A,B
#
# COMPACT_ATOMS: atom_id res chain seq x y z
N LYS A 12 -12.81 50.36 27.65
CA LYS A 12 -11.62 49.79 26.97
C LYS A 12 -12.20 48.88 25.92
N LEU A 13 -12.32 49.43 24.70
CA LEU A 13 -12.89 48.72 23.55
C LEU A 13 -11.94 47.62 23.12
N ALA A 14 -12.47 46.41 23.02
CA ALA A 14 -11.65 45.24 22.72
C ALA A 14 -11.54 45.03 21.24
N ALA A 15 -10.32 45.08 20.71
CA ALA A 15 -10.12 44.78 19.29
C ALA A 15 -10.02 43.28 19.09
N THR A 16 -10.87 42.75 18.25
CA THR A 16 -10.88 41.32 17.97
C THR A 16 -11.09 41.15 16.49
N PRO A 17 -10.55 40.08 15.89
CA PRO A 17 -10.84 39.88 14.46
C PRO A 17 -12.32 39.86 14.19
N GLY A 18 -13.07 39.23 15.07
CA GLY A 18 -14.48 39.06 14.88
C GLY A 18 -15.25 40.36 14.70
N MET A 19 -14.81 41.43 15.33
CA MET A 19 -15.57 42.69 15.28
C MET A 19 -15.55 43.22 13.85
N PHE A 20 -14.59 42.75 13.05
CA PHE A 20 -14.43 43.24 11.69
C PHE A 20 -15.39 42.61 10.74
N VAL A 21 -16.00 41.48 11.10
CA VAL A 21 -16.97 40.86 10.20
C VAL A 21 -18.27 41.55 10.52
N GLN A 22 -18.78 42.29 9.54
CA GLN A 22 -20.01 43.05 9.77
C GLN A 22 -20.99 42.51 8.82
N HIS A 23 -22.26 42.63 9.21
CA HIS A 23 -23.38 42.34 8.32
C HIS A 23 -23.33 43.42 7.25
N SER A 24 -22.97 43.06 6.03
CA SER A 24 -22.83 44.05 4.96
C SER A 24 -24.20 44.62 4.55
N THR A 25 -24.18 45.75 3.86
CA THR A 25 -25.38 46.31 3.26
C THR A 25 -25.05 46.65 1.82
N ALA A 26 -24.34 45.73 1.17
CA ALA A 26 -24.19 45.68 -0.25
C ALA A 26 -24.78 44.31 -0.62
N ALA A 27 -25.01 44.08 -1.91
CA ALA A 27 -25.39 42.75 -2.39
C ALA A 27 -24.15 41.89 -2.58
N PHE A 28 -24.25 40.61 -2.24
CA PHE A 28 -23.14 39.70 -2.43
C PHE A 28 -22.53 39.88 -3.81
N SER A 29 -23.36 39.84 -4.82
CA SER A 29 -22.87 39.95 -6.18
C SER A 29 -22.23 41.27 -6.56
N ASP A 30 -22.48 42.33 -5.79
CA ASP A 30 -21.73 43.57 -6.00
C ASP A 30 -20.27 43.42 -5.62
N ARG A 31 -19.91 42.45 -4.78
CA ARG A 31 -18.52 42.32 -4.40
C ARG A 31 -17.85 40.98 -4.72
N TYR A 32 -18.62 39.97 -5.12
CA TYR A 32 -18.03 38.64 -5.44
C TYR A 32 -18.54 38.02 -6.69
N LYS A 33 -17.72 37.14 -7.26
CA LYS A 33 -18.01 36.43 -8.51
C LYS A 33 -17.68 34.96 -8.35
N GLY A 34 -18.65 34.10 -8.62
CA GLY A 34 -18.43 32.66 -8.58
C GLY A 34 -17.48 32.11 -9.62
N GLN A 35 -16.72 31.10 -9.24
CA GLN A 35 -15.70 30.50 -10.06
C GLN A 35 -16.02 29.04 -10.25
N ARG A 36 -16.12 28.31 -9.16
CA ARG A 36 -16.49 26.93 -9.21
C ARG A 36 -17.08 26.49 -7.90
N VAL A 37 -17.57 25.27 -7.89
CA VAL A 37 -18.13 24.72 -6.69
C VAL A 37 -16.98 23.97 -6.07
N LEU A 38 -16.84 24.13 -4.75
CA LEU A 38 -15.91 23.38 -3.94
C LEU A 38 -16.64 22.24 -3.29
N GLY A 39 -17.90 22.43 -2.94
CA GLY A 39 -18.63 21.37 -2.25
C GLY A 39 -20.07 21.78 -2.10
N LYS A 40 -20.94 20.81 -1.87
CA LYS A 40 -22.34 21.09 -1.63
C LYS A 40 -22.63 20.55 -0.28
N GLY A 41 -23.58 21.17 0.38
CA GLY A 41 -23.93 20.79 1.72
C GLY A 41 -25.38 20.38 1.72
N SER A 42 -25.91 20.18 2.91
CA SER A 42 -27.25 19.67 3.07
C SER A 42 -28.26 20.72 2.61
N PHE A 43 -27.96 22.00 2.85
CA PHE A 43 -28.91 23.09 2.58
C PHE A 43 -28.33 24.20 1.71
N GLY A 44 -27.37 23.89 0.83
CA GLY A 44 -26.76 24.91 -0.06
C GLY A 44 -25.40 24.44 -0.58
N GLU A 45 -24.58 25.34 -1.11
CA GLU A 45 -23.25 24.93 -1.54
C GLU A 45 -22.19 25.95 -1.22
N VAL A 46 -20.92 25.53 -1.24
CA VAL A 46 -19.77 26.42 -0.95
C VAL A 46 -19.13 26.76 -2.27
N ILE A 47 -19.01 28.03 -2.58
CA ILE A 47 -18.60 28.44 -3.91
C ILE A 47 -17.37 29.33 -3.89
N LEU A 48 -16.33 28.87 -4.59
CA LEU A 48 -15.10 29.59 -4.75
C LEU A 48 -15.43 30.88 -5.44
N CYS A 49 -15.11 32.03 -4.82
CA CYS A 49 -15.36 33.31 -5.45
C CYS A 49 -14.13 34.15 -5.49
N LYS A 50 -14.14 35.14 -6.35
CA LYS A 50 -13.10 36.14 -6.38
C LYS A 50 -13.70 37.45 -5.95
N ASP A 51 -12.99 38.22 -5.14
CA ASP A 51 -13.41 39.58 -4.86
C ASP A 51 -13.36 40.29 -6.23
N LYS A 52 -14.39 41.04 -6.55
CA LYS A 52 -14.46 41.69 -7.85
C LYS A 52 -13.41 42.79 -8.09
N VAL A 53 -12.87 43.38 -7.03
CA VAL A 53 -11.87 44.45 -7.19
C VAL A 53 -10.42 43.94 -7.18
N THR A 54 -10.13 42.95 -6.35
CA THR A 54 -8.78 42.58 -6.07
C THR A 54 -8.45 41.18 -6.51
N GLY A 55 -9.41 40.51 -7.16
CA GLY A 55 -9.24 39.14 -7.61
C GLY A 55 -8.85 38.14 -6.53
N GLN A 56 -8.97 38.51 -5.25
CA GLN A 56 -8.58 37.61 -4.13
C GLN A 56 -9.62 36.52 -3.96
N GLU A 57 -9.19 35.29 -3.69
CA GLU A 57 -10.15 34.17 -3.68
C GLU A 57 -10.64 33.70 -2.33
N TYR A 58 -11.95 33.60 -2.19
CA TYR A 58 -12.58 33.13 -0.99
C TYR A 58 -13.46 31.92 -1.30
N ALA A 59 -13.85 31.24 -0.24
CA ALA A 59 -14.88 30.20 -0.32
C ALA A 59 -16.18 30.68 0.29
N VAL A 60 -17.19 30.90 -0.52
CA VAL A 60 -18.43 31.40 -0.02
C VAL A 60 -19.44 30.30 0.25
N LYS A 61 -19.77 30.10 1.52
CA LYS A 61 -20.79 29.14 1.92
C LYS A 61 -22.13 29.79 1.72
N VAL A 62 -23.03 29.13 1.01
CA VAL A 62 -24.33 29.70 0.68
C VAL A 62 -25.38 28.83 1.32
N ILE A 63 -26.34 29.49 1.95
CA ILE A 63 -27.30 28.82 2.80
C ILE A 63 -28.67 29.34 2.43
N SER A 64 -29.44 28.48 1.76
CA SER A 64 -30.78 28.82 1.33
C SER A 64 -31.69 28.91 2.52
N LYS A 65 -32.14 30.12 2.83
CA LYS A 65 -33.16 30.30 3.85
C LYS A 65 -34.36 29.34 3.65
N ARG A 66 -34.83 29.22 2.41
CA ARG A 66 -35.85 28.19 2.07
C ARG A 66 -35.22 26.78 2.12
N LEU A 77 -29.42 31.01 11.73
CA LEU A 77 -28.06 31.05 11.19
C LEU A 77 -27.27 32.34 11.43
N LEU A 78 -27.85 33.33 12.09
CA LEU A 78 -27.02 34.31 12.73
C LEU A 78 -25.93 33.52 13.51
N LYS A 79 -26.27 32.31 13.97
CA LYS A 79 -25.43 31.57 14.93
C LYS A 79 -24.12 31.02 14.40
N GLU A 80 -24.12 30.43 13.22
CA GLU A 80 -22.86 29.97 12.61
C GLU A 80 -21.93 31.15 12.40
N VAL A 81 -22.48 32.32 12.15
CA VAL A 81 -21.68 33.51 11.99
C VAL A 81 -21.16 33.99 13.34
N GLU A 82 -22.00 33.95 14.35
CA GLU A 82 -21.67 34.52 15.64
C GLU A 82 -20.60 33.68 16.35
N LEU A 83 -20.73 32.35 16.26
CA LEU A 83 -19.74 31.44 16.81
C LEU A 83 -18.42 31.68 16.14
N LEU A 84 -18.42 31.76 14.83
CA LEU A 84 -17.19 32.01 14.08
C LEU A 84 -16.50 33.35 14.42
N LYS A 85 -17.23 34.42 14.66
CA LYS A 85 -16.61 35.69 15.11
C LYS A 85 -15.85 35.56 16.45
N LYS A 86 -16.23 34.61 17.30
CA LYS A 86 -15.57 34.41 18.57
C LYS A 86 -14.30 33.57 18.46
N LEU A 87 -14.10 32.89 17.33
CA LEU A 87 -12.97 31.96 17.18
C LEU A 87 -11.86 32.54 16.32
N ASP A 88 -10.62 32.35 16.76
CA ASP A 88 -9.42 32.81 16.07
C ASP A 88 -8.36 31.81 16.46
N HIS A 89 -7.99 30.94 15.54
CA HIS A 89 -7.20 29.78 15.85
C HIS A 89 -6.61 29.28 14.54
N PRO A 90 -5.34 28.88 14.57
CA PRO A 90 -4.63 28.42 13.38
C PRO A 90 -5.22 27.17 12.69
N ASN A 91 -5.93 26.35 13.43
CA ASN A 91 -6.66 25.22 12.90
C ASN A 91 -8.16 25.37 12.89
N ILE A 92 -8.66 26.60 12.91
CA ILE A 92 -10.09 26.83 12.72
C ILE A 92 -10.31 27.78 11.57
N MET A 93 -11.30 27.47 10.77
CA MET A 93 -11.68 28.26 9.61
C MET A 93 -11.92 29.70 9.93
N LYS A 94 -11.41 30.57 9.07
CA LYS A 94 -11.57 32.01 9.15
C LYS A 94 -12.81 32.53 8.37
N LEU A 95 -13.64 33.33 9.05
CA LEU A 95 -14.76 34.06 8.45
C LEU A 95 -14.34 35.52 8.18
N TYR A 96 -14.60 36.03 6.98
CA TYR A 96 -14.22 37.38 6.59
C TYR A 96 -15.37 38.37 6.73
N GLU A 97 -16.52 38.03 6.14
CA GLU A 97 -17.74 38.86 6.24
C GLU A 97 -18.89 38.02 5.81
N PHE A 98 -20.08 38.57 5.87
CA PHE A 98 -21.21 37.80 5.42
C PHE A 98 -22.32 38.70 4.95
N PHE A 99 -23.12 38.14 4.07
CA PHE A 99 -24.20 38.87 3.45
C PHE A 99 -25.47 38.09 3.65
N GLU A 100 -26.56 38.82 3.63
CA GLU A 100 -27.85 38.23 3.76
C GLU A 100 -28.69 38.74 2.64
N ASP A 101 -29.54 37.85 2.18
CA ASP A 101 -30.39 38.05 1.04
C ASP A 101 -31.81 37.82 1.48
N LYS A 102 -32.74 38.10 0.56
CA LYS A 102 -34.12 37.63 0.67
C LYS A 102 -34.09 36.11 0.84
N GLY A 103 -33.37 35.43 -0.04
CA GLY A 103 -33.40 33.97 -0.06
C GLY A 103 -32.23 33.27 0.58
N TYR A 104 -31.23 34.01 1.02
CA TYR A 104 -29.94 33.39 1.26
C TYR A 104 -29.08 34.11 2.28
N PHE A 105 -28.18 33.34 2.86
CA PHE A 105 -27.03 33.87 3.57
C PHE A 105 -25.79 33.55 2.78
N TYR A 106 -24.81 34.43 2.88
CA TYR A 106 -23.53 34.15 2.27
C TYR A 106 -22.46 34.40 3.30
N LEU A 107 -21.65 33.37 3.55
CA LEU A 107 -20.57 33.46 4.52
C LEU A 107 -19.26 33.43 3.81
N VAL A 108 -18.63 34.59 3.71
CA VAL A 108 -17.36 34.66 3.02
C VAL A 108 -16.23 34.15 3.92
N THR A 109 -15.59 33.07 3.46
CA THR A 109 -14.61 32.30 4.23
C THR A 109 -13.29 32.19 3.49
N GLU A 110 -12.24 31.90 4.22
CA GLU A 110 -10.95 31.61 3.65
C GLU A 110 -11.04 30.29 2.90
N VAL A 111 -10.50 30.25 1.68
CA VAL A 111 -10.49 29.00 0.94
C VAL A 111 -9.26 28.20 1.34
N TYR A 112 -9.49 26.91 1.57
CA TYR A 112 -8.43 25.96 1.86
C TYR A 112 -8.34 24.96 0.71
N THR A 113 -7.24 25.07 -0.02
CA THR A 113 -7.09 24.43 -1.34
C THR A 113 -6.62 22.99 -1.33
N GLY A 114 -6.50 22.37 -0.16
CA GLY A 114 -6.02 21.00 -0.07
C GLY A 114 -7.17 20.01 -0.04
N GLY A 115 -8.40 20.51 -0.09
CA GLY A 115 -9.57 19.64 0.04
C GLY A 115 -9.70 18.83 1.33
N GLU A 116 -10.71 17.97 1.33
CA GLU A 116 -11.14 17.27 2.52
C GLU A 116 -10.16 16.23 2.96
N LEU A 117 -10.10 16.05 4.26
CA LEU A 117 -9.33 14.97 4.83
C LEU A 117 -9.92 13.65 4.37
N PHE A 118 -11.22 13.65 4.12
CA PHE A 118 -11.92 12.48 3.57
C PHE A 118 -11.29 12.00 2.27
N ASP A 119 -11.04 12.93 1.37
CA ASP A 119 -10.42 12.58 0.10
C ASP A 119 -9.03 12.02 0.33
N GLU A 120 -8.27 12.63 1.24
CA GLU A 120 -6.91 12.18 1.47
C GLU A 120 -6.92 10.83 2.14
N ILE A 121 -7.97 10.58 2.91
CA ILE A 121 -8.15 9.27 3.55
C ILE A 121 -8.47 8.21 2.51
N ILE A 122 -9.39 8.51 1.61
CA ILE A 122 -9.76 7.52 0.58
C ILE A 122 -8.66 7.35 -0.46
N SER A 123 -7.57 8.10 -0.30
CA SER A 123 -6.53 8.21 -1.31
C SER A 123 -5.25 7.57 -0.86
N ARG A 124 -4.72 8.09 0.24
CA ARG A 124 -3.54 7.55 0.90
C ARG A 124 -3.91 6.26 1.67
N LYS A 125 -5.20 6.07 1.91
CA LYS A 125 -5.76 4.81 2.48
C LYS A 125 -5.55 4.70 3.98
N ARG A 126 -4.32 4.97 4.41
CA ARG A 126 -3.89 4.77 5.77
C ARG A 126 -2.81 5.80 6.10
N PHE A 127 -2.76 6.23 7.35
CA PHE A 127 -1.82 7.25 7.72
C PHE A 127 -0.69 6.77 8.60
N SER A 128 0.48 7.26 8.28
CA SER A 128 1.62 7.30 9.18
C SER A 128 1.19 7.71 10.60
N GLU A 129 1.67 7.00 11.61
CA GLU A 129 1.56 7.48 13.00
C GLU A 129 2.04 8.93 13.18
N VAL A 130 3.10 9.31 12.47
CA VAL A 130 3.56 10.70 12.49
C VAL A 130 2.49 11.64 11.93
N ASP A 131 1.94 11.29 10.78
CA ASP A 131 1.03 12.19 10.12
C ASP A 131 -0.29 12.22 10.88
N ALA A 132 -0.69 11.09 11.44
CA ALA A 132 -1.92 11.01 12.20
C ALA A 132 -1.84 11.80 13.49
N ALA A 133 -0.72 11.69 14.18
CA ALA A 133 -0.53 12.47 15.40
C ALA A 133 -0.59 13.97 15.09
N ARG A 134 0.04 14.39 14.00
CA ARG A 134 0.08 15.80 13.65
C ARG A 134 -1.30 16.33 13.36
N ILE A 135 -2.08 15.54 12.63
CA ILE A 135 -3.44 15.90 12.27
C ILE A 135 -4.30 15.97 13.50
N ILE A 136 -4.18 14.95 14.34
CA ILE A 136 -5.02 14.84 15.52
C ILE A 136 -4.65 15.90 16.55
N ARG A 137 -3.37 16.14 16.72
CA ARG A 137 -2.93 17.22 17.58
C ARG A 137 -3.66 18.52 17.23
N GLN A 138 -3.69 18.86 15.94
CA GLN A 138 -4.32 20.12 15.51
C GLN A 138 -5.81 20.15 15.72
N VAL A 139 -6.50 19.06 15.38
CA VAL A 139 -7.93 18.98 15.67
C VAL A 139 -8.19 19.22 17.17
N LEU A 140 -7.46 18.47 18.00
CA LEU A 140 -7.58 18.55 19.43
C LEU A 140 -7.28 19.97 19.93
N SER A 141 -6.31 20.64 19.32
CA SER A 141 -6.03 22.03 19.64
C SER A 141 -7.21 22.93 19.32
N GLY A 142 -7.76 22.77 18.14
CA GLY A 142 -8.94 23.53 17.76
C GLY A 142 -10.08 23.37 18.76
N ILE A 143 -10.36 22.14 19.17
CA ILE A 143 -11.52 21.92 20.02
C ILE A 143 -11.26 22.26 21.47
N THR A 144 -10.02 22.09 21.94
CA THR A 144 -9.63 22.56 23.25
C THR A 144 -9.90 24.06 23.35
N TYR A 145 -9.48 24.77 22.33
CA TYR A 145 -9.82 26.17 22.21
C TYR A 145 -11.32 26.42 22.19
N MET A 146 -12.05 25.65 21.40
CA MET A 146 -13.51 25.83 21.32
C MET A 146 -14.20 25.58 22.65
N HIS A 147 -13.88 24.43 23.20
CA HIS A 147 -14.33 24.08 24.53
C HIS A 147 -14.02 25.18 25.51
N LYS A 148 -12.81 25.76 25.48
CA LYS A 148 -12.52 26.88 26.38
C LYS A 148 -13.53 27.99 26.23
N ASN A 149 -13.90 28.29 24.99
CA ASN A 149 -14.84 29.37 24.68
C ASN A 149 -16.31 28.96 24.69
N LYS A 150 -16.65 27.86 25.37
CA LYS A 150 -18.03 27.37 25.51
C LYS A 150 -18.70 27.04 24.18
N ILE A 151 -17.95 26.43 23.27
CA ILE A 151 -18.47 26.07 21.97
C ILE A 151 -18.16 24.63 21.69
N VAL A 152 -19.18 23.90 21.24
CA VAL A 152 -19.03 22.47 20.91
C VAL A 152 -19.33 22.33 19.43
N HIS A 153 -18.54 21.52 18.75
CA HIS A 153 -18.64 21.46 17.29
C HIS A 153 -19.79 20.56 16.81
N ARG A 154 -19.81 19.31 17.31
CA ARG A 154 -20.94 18.35 17.21
C ARG A 154 -20.99 17.56 15.91
N ASP A 155 -20.12 17.90 14.98
CA ASP A 155 -20.12 17.30 13.67
C ASP A 155 -18.71 17.27 13.09
N LEU A 156 -17.79 16.76 13.88
CA LEU A 156 -16.45 16.55 13.40
C LEU A 156 -16.46 15.27 12.60
N LYS A 157 -15.85 15.33 11.42
CA LYS A 157 -15.62 14.18 10.56
C LYS A 157 -14.69 14.67 9.44
N PRO A 158 -14.05 13.74 8.70
CA PRO A 158 -13.10 14.09 7.67
C PRO A 158 -13.64 15.07 6.66
N GLU A 159 -14.94 15.00 6.44
CA GLU A 159 -15.61 15.86 5.48
C GLU A 159 -15.58 17.32 5.98
N ASN A 160 -15.51 17.50 7.29
CA ASN A 160 -15.51 18.83 7.87
C ASN A 160 -14.15 19.26 8.40
N LEU A 161 -13.12 18.61 7.88
CA LEU A 161 -11.73 19.00 8.08
C LEU A 161 -11.02 19.21 6.72
N LEU A 162 -10.36 20.35 6.54
CA LEU A 162 -9.66 20.61 5.28
C LEU A 162 -8.18 20.81 5.49
N LEU A 163 -7.41 20.45 4.48
CA LEU A 163 -6.01 20.72 4.44
C LEU A 163 -5.90 22.07 3.78
N GLU A 164 -5.04 22.94 4.31
CA GLU A 164 -4.96 24.35 3.86
C GLU A 164 -4.56 24.51 2.41
N ASN A 165 -3.66 23.64 1.99
CA ASN A 165 -3.09 23.74 0.70
C ASN A 165 -2.62 22.35 0.27
N LYS A 166 -1.91 22.28 -0.85
CA LYS A 166 -1.58 20.99 -1.45
C LYS A 166 -0.26 20.42 -0.93
N ARG A 167 0.40 21.13 -0.02
CA ARG A 167 1.70 20.71 0.47
C ARG A 167 1.53 19.40 1.20
N LYS A 168 2.65 18.70 1.32
CA LYS A 168 2.72 17.30 1.78
C LYS A 168 2.08 17.12 3.17
N ASP A 169 2.50 17.97 4.11
CA ASP A 169 2.12 17.86 5.52
C ASP A 169 1.34 19.11 5.90
N ALA A 170 0.33 19.38 5.11
CA ALA A 170 -0.43 20.62 5.19
C ALA A 170 -1.19 20.74 6.49
N ASN A 171 -1.36 21.97 6.91
CA ASN A 171 -2.07 22.33 8.11
C ASN A 171 -3.53 21.97 8.03
N ILE A 172 -4.18 21.74 9.16
CA ILE A 172 -5.56 21.29 9.20
C ILE A 172 -6.50 22.37 9.69
N ARG A 173 -7.65 22.49 9.03
CA ARG A 173 -8.67 23.47 9.37
C ARG A 173 -9.98 22.81 9.62
N ILE A 174 -10.62 23.15 10.74
CA ILE A 174 -11.97 22.71 11.08
C ILE A 174 -12.97 23.64 10.41
N ILE A 175 -14.09 23.13 9.90
CA ILE A 175 -15.11 23.97 9.25
C ILE A 175 -16.52 23.50 9.63
N ASP A 176 -17.57 23.93 8.93
CA ASP A 176 -18.97 23.48 9.20
C ASP A 176 -19.27 23.69 10.65
N PHE A 177 -19.31 24.94 11.05
CA PHE A 177 -19.88 25.27 12.37
C PHE A 177 -21.40 25.43 12.38
N GLY A 178 -22.07 24.82 11.40
CA GLY A 178 -23.50 24.98 11.28
C GLY A 178 -24.31 24.13 12.23
N LEU A 179 -23.71 23.11 12.85
CA LEU A 179 -24.43 22.37 13.89
C LEU A 179 -23.84 22.65 15.26
N SER A 180 -22.86 23.54 15.29
CA SER A 180 -22.16 23.83 16.52
C SER A 180 -23.02 24.73 17.38
N THR A 181 -22.75 24.73 18.68
CA THR A 181 -23.46 25.60 19.59
C THR A 181 -22.73 25.90 20.89
N HIS A 182 -23.26 26.87 21.61
CA HIS A 182 -22.78 27.18 22.93
C HIS A 182 -23.27 26.15 23.91
N PHE A 183 -22.43 25.80 24.85
CA PHE A 183 -22.84 24.93 25.93
C PHE A 183 -22.50 25.55 27.28
N GLU A 184 -23.23 25.15 28.31
CA GLU A 184 -22.93 25.57 29.66
C GLU A 184 -22.58 24.33 30.47
N SER A 185 -21.51 24.41 31.24
CA SER A 185 -21.15 23.33 32.17
C SER A 185 -22.31 22.90 33.09
N THR A 186 -23.25 23.81 33.36
CA THR A 186 -24.32 23.51 34.30
C THR A 186 -25.47 22.71 33.71
N LYS A 187 -25.92 23.08 32.52
CA LYS A 187 -26.99 22.35 31.85
C LYS A 187 -26.36 21.40 30.84
N LYS A 188 -27.11 20.41 30.36
CA LYS A 188 -26.62 19.50 29.31
C LYS A 188 -27.46 19.57 28.03
N MET A 189 -26.86 19.13 26.93
CA MET A 189 -27.53 19.22 25.62
C MET A 189 -28.35 17.96 25.40
N LYS A 190 -29.45 18.13 24.66
CA LYS A 190 -30.40 17.04 24.37
C LYS A 190 -30.54 16.67 22.87
N ASP A 191 -30.50 17.70 22.02
CA ASP A 191 -30.65 17.54 20.57
C ASP A 191 -29.74 16.47 19.98
N LYS A 192 -30.26 15.65 19.07
CA LYS A 192 -29.46 14.60 18.45
C LYS A 192 -28.85 15.07 17.15
N ILE A 193 -27.53 15.25 17.16
CA ILE A 193 -26.81 15.85 16.08
C ILE A 193 -25.51 15.12 15.85
N GLY A 194 -25.12 14.98 14.60
CA GLY A 194 -23.88 14.29 14.27
C GLY A 194 -24.05 13.40 13.06
N THR A 195 -23.11 12.48 12.89
CA THR A 195 -23.08 11.61 11.73
C THR A 195 -22.76 10.21 12.23
N ALA A 196 -23.41 9.23 11.62
CA ALA A 196 -23.45 7.88 12.20
C ALA A 196 -22.09 7.39 12.71
N TYR A 197 -21.07 7.40 11.87
CA TYR A 197 -19.78 6.83 12.24
C TYR A 197 -19.18 7.56 13.42
N TYR A 198 -19.44 8.88 13.48
CA TYR A 198 -18.73 9.84 14.32
C TYR A 198 -19.46 10.30 15.56
N ILE A 199 -20.74 10.00 15.64
CA ILE A 199 -21.57 10.43 16.73
C ILE A 199 -21.30 9.61 17.98
N ALA A 200 -21.24 10.30 19.11
CA ALA A 200 -20.97 9.65 20.40
C ALA A 200 -22.25 9.08 21.02
N PRO A 201 -22.12 7.96 21.75
CA PRO A 201 -23.32 7.31 22.22
C PRO A 201 -24.24 8.20 23.05
N GLU A 202 -23.68 9.10 23.83
CA GLU A 202 -24.54 9.90 24.70
C GLU A 202 -25.43 10.82 23.90
N VAL A 203 -25.01 11.18 22.68
CA VAL A 203 -25.79 12.08 21.83
C VAL A 203 -27.03 11.36 21.35
N LEU A 204 -26.92 10.05 21.17
CA LEU A 204 -28.06 9.26 20.72
C LEU A 204 -29.06 9.18 21.83
N HIS A 205 -28.56 8.93 23.04
CA HIS A 205 -29.37 8.79 24.23
C HIS A 205 -30.07 10.08 24.64
N GLY A 206 -29.41 11.21 24.44
CA GLY A 206 -30.04 12.53 24.60
C GLY A 206 -29.53 13.49 25.64
N THR A 207 -28.56 13.03 26.43
CA THR A 207 -27.92 13.92 27.40
C THR A 207 -26.40 13.94 27.14
N TYR A 208 -25.88 15.07 26.67
CA TYR A 208 -24.46 15.10 26.37
C TYR A 208 -23.79 16.45 26.65
N ASP A 209 -22.45 16.42 26.66
CA ASP A 209 -21.61 17.62 26.83
C ASP A 209 -20.50 17.65 25.75
N GLU A 210 -19.53 18.55 25.91
CA GLU A 210 -18.53 18.73 24.89
C GLU A 210 -17.70 17.49 24.61
N LYS A 211 -17.69 16.52 25.52
CA LYS A 211 -16.89 15.31 25.29
C LYS A 211 -17.33 14.54 24.03
N CYS A 212 -18.55 14.74 23.55
CA CYS A 212 -18.89 14.17 22.24
C CYS A 212 -17.89 14.53 21.12
N ASP A 213 -17.40 15.77 21.09
CA ASP A 213 -16.34 16.18 20.14
C ASP A 213 -15.08 15.31 20.31
N VAL A 214 -14.80 14.90 21.55
CA VAL A 214 -13.64 14.04 21.80
C VAL A 214 -13.83 12.70 21.12
N TRP A 215 -14.94 12.06 21.45
CA TRP A 215 -15.39 10.82 20.81
C TRP A 215 -15.27 10.86 19.29
N SER A 216 -15.90 11.86 18.67
CA SER A 216 -15.74 12.07 17.22
C SER A 216 -14.26 12.08 16.76
N THR A 217 -13.43 12.87 17.44
CA THR A 217 -12.00 12.92 17.12
C THR A 217 -11.33 11.59 17.35
N GLY A 218 -11.84 10.86 18.30
CA GLY A 218 -11.30 9.53 18.57
C GLY A 218 -11.63 8.59 17.45
N VAL A 219 -12.80 8.76 16.87
CA VAL A 219 -13.21 7.96 15.75
C VAL A 219 -12.35 8.34 14.61
N ILE A 220 -12.18 9.64 14.43
CA ILE A 220 -11.38 10.07 13.31
C ILE A 220 -9.97 9.51 13.42
N LEU A 221 -9.39 9.54 14.62
CA LEU A 221 -8.02 9.03 14.77
C LEU A 221 -7.92 7.54 14.41
N TYR A 222 -8.92 6.76 14.81
CA TYR A 222 -8.98 5.33 14.53
C TYR A 222 -8.90 5.09 13.01
N ILE A 223 -9.73 5.85 12.29
CA ILE A 223 -9.81 5.78 10.83
C ILE A 223 -8.48 6.13 10.18
N LEU A 224 -7.85 7.19 10.65
CA LEU A 224 -6.61 7.64 10.04
C LEU A 224 -5.55 6.57 10.13
N LEU A 225 -5.47 5.93 11.29
CA LEU A 225 -4.45 4.92 11.50
C LEU A 225 -4.77 3.59 10.86
N SER A 226 -6.04 3.23 10.76
CA SER A 226 -6.41 1.91 10.18
C SER A 226 -7.08 1.92 8.78
N GLY A 227 -7.62 3.04 8.35
CA GLY A 227 -8.44 3.07 7.15
C GLY A 227 -9.90 2.68 7.36
N CYS A 228 -10.26 2.13 8.51
CA CYS A 228 -11.64 1.68 8.71
C CYS A 228 -12.29 2.41 9.88
N PRO A 229 -13.62 2.61 9.83
CA PRO A 229 -14.31 3.12 11.01
C PRO A 229 -14.35 2.10 12.09
N PRO A 230 -14.45 2.52 13.33
CA PRO A 230 -14.40 1.54 14.39
C PRO A 230 -15.74 0.88 14.62
N PHE A 231 -16.79 1.53 14.14
CA PHE A 231 -18.17 1.05 14.26
C PHE A 231 -18.77 1.09 12.88
N ASN A 232 -19.14 -0.07 12.34
CA ASN A 232 -19.67 -0.15 10.99
C ASN A 232 -20.96 -0.93 10.93
N GLY A 233 -21.55 -0.95 9.73
CA GLY A 233 -22.71 -1.76 9.46
C GLY A 233 -23.22 -1.60 8.04
N ALA A 234 -24.13 -2.50 7.66
CA ALA A 234 -24.79 -2.45 6.37
C ALA A 234 -25.36 -1.08 6.05
N ASN A 235 -25.92 -0.40 7.05
CA ASN A 235 -26.55 0.88 6.85
C ASN A 235 -26.59 1.70 8.14
N GLU A 236 -27.09 2.92 8.04
CA GLU A 236 -27.06 3.91 9.16
C GLU A 236 -27.48 3.31 10.50
N PHE A 237 -28.70 2.81 10.52
CA PHE A 237 -29.27 2.12 11.65
C PHE A 237 -28.33 1.07 12.22
N ASP A 238 -27.81 0.16 11.39
CA ASP A 238 -26.84 -0.86 11.85
C ASP A 238 -25.61 -0.25 12.54
N ILE A 239 -25.19 0.92 12.05
CA ILE A 239 -24.03 1.59 12.57
C ILE A 239 -24.35 2.17 13.93
N LEU A 240 -25.52 2.79 14.06
CA LEU A 240 -25.86 3.42 15.32
C LEU A 240 -25.99 2.41 16.44
N LYS A 241 -26.45 1.19 16.12
CA LYS A 241 -26.51 0.11 17.09
C LYS A 241 -25.12 -0.24 17.51
N LYS A 242 -24.23 -0.42 16.55
CA LYS A 242 -22.85 -0.75 16.84
C LYS A 242 -22.22 0.34 17.71
N VAL A 243 -22.51 1.59 17.34
CA VAL A 243 -21.98 2.74 18.06
C VAL A 243 -22.48 2.71 19.48
N GLU A 244 -23.78 2.67 19.63
CA GLU A 244 -24.42 2.70 20.94
C GLU A 244 -23.99 1.56 21.87
N LYS A 245 -23.54 0.42 21.31
CA LYS A 245 -22.96 -0.66 22.12
C LYS A 245 -21.56 -0.27 22.65
N GLY A 246 -20.89 0.62 21.91
CA GLY A 246 -19.58 1.10 22.26
C GLY A 246 -18.45 0.16 21.93
N LYS A 247 -18.70 -1.10 21.60
CA LYS A 247 -17.58 -2.04 21.45
C LYS A 247 -16.85 -1.88 20.12
N PHE A 248 -15.54 -1.77 20.21
CA PHE A 248 -14.69 -1.72 19.04
C PHE A 248 -13.49 -2.58 19.36
N THR A 249 -12.72 -2.89 18.33
CA THR A 249 -11.66 -3.86 18.43
C THR A 249 -10.43 -3.34 17.74
N PHE A 250 -9.25 -3.86 18.12
CA PHE A 250 -8.02 -3.64 17.36
C PHE A 250 -7.58 -4.99 16.77
N ASP A 251 -8.59 -5.77 16.37
CA ASP A 251 -8.44 -7.16 15.86
C ASP A 251 -8.05 -7.22 14.39
N LEU A 252 -7.96 -6.08 13.71
CA LEU A 252 -7.63 -6.08 12.29
C LEU A 252 -6.12 -6.11 12.04
N PRO A 253 -5.71 -6.73 10.92
CA PRO A 253 -4.27 -6.94 10.68
C PRO A 253 -3.45 -5.65 10.72
N GLN A 254 -3.99 -4.56 10.16
CA GLN A 254 -3.27 -3.29 10.11
C GLN A 254 -2.88 -2.77 11.51
N TRP A 255 -3.58 -3.19 12.56
CA TRP A 255 -3.24 -2.73 13.92
C TRP A 255 -1.99 -3.38 14.51
N LYS A 256 -1.53 -4.52 13.99
CA LYS A 256 -0.28 -5.11 14.51
C LYS A 256 0.87 -4.11 14.30
N LYS A 257 0.77 -3.33 13.24
CA LYS A 257 1.80 -2.32 12.99
C LYS A 257 1.76 -1.16 14.01
N VAL A 258 0.63 -0.91 14.66
CA VAL A 258 0.48 0.36 15.38
C VAL A 258 0.92 0.23 16.84
N SER A 259 1.57 1.28 17.35
CA SER A 259 2.11 1.29 18.73
C SER A 259 0.99 1.32 19.75
N GLU A 260 1.25 0.73 20.93
CA GLU A 260 0.25 0.70 22.03
C GLU A 260 -0.17 2.11 22.46
N PRO A 261 0.78 3.07 22.55
CA PRO A 261 0.36 4.40 23.00
C PRO A 261 -0.71 5.06 22.13
N ALA A 262 -0.65 4.82 20.82
CA ALA A 262 -1.67 5.35 19.92
C ALA A 262 -3.02 4.74 20.25
N LYS A 263 -3.01 3.43 20.48
CA LYS A 263 -4.23 2.73 20.83
C LYS A 263 -4.74 3.23 22.17
N ASP A 264 -3.82 3.44 23.11
CA ASP A 264 -4.17 3.93 24.43
C ASP A 264 -4.95 5.25 24.37
N LEU A 265 -4.46 6.19 23.59
CA LEU A 265 -5.18 7.43 23.37
C LEU A 265 -6.54 7.17 22.76
N ILE A 266 -6.58 6.34 21.72
CA ILE A 266 -7.86 5.96 21.11
C ILE A 266 -8.83 5.44 22.16
N ARG A 267 -8.38 4.54 23.01
CA ARG A 267 -9.23 3.99 24.05
C ARG A 267 -9.76 5.07 24.98
N LYS A 268 -8.90 5.97 25.41
CA LYS A 268 -9.29 7.09 26.28
C LYS A 268 -10.26 8.07 25.63
N MET A 269 -10.15 8.23 24.32
CA MET A 269 -11.00 9.15 23.61
C MET A 269 -12.35 8.50 23.30
N LEU A 270 -12.37 7.18 23.14
CA LEU A 270 -13.61 6.43 22.93
C LEU A 270 -14.07 5.68 24.18
N ALA A 271 -13.78 6.23 25.35
CA ALA A 271 -14.22 5.64 26.59
C ALA A 271 -15.72 5.78 26.59
N TYR A 272 -16.45 4.71 26.88
CA TYR A 272 -17.89 4.78 26.66
C TYR A 272 -18.48 5.94 27.45
N VAL A 273 -18.17 5.98 28.75
CA VAL A 273 -18.82 6.85 29.69
C VAL A 273 -18.20 8.27 29.65
N PRO A 274 -19.03 9.30 29.39
CA PRO A 274 -18.51 10.67 29.30
C PRO A 274 -17.51 11.10 30.38
N THR A 275 -17.87 10.95 31.65
CA THR A 275 -16.98 11.40 32.74
C THR A 275 -15.62 10.70 32.75
N MET A 276 -15.56 9.47 32.30
CA MET A 276 -14.29 8.76 32.22
C MET A 276 -13.47 9.06 30.97
N ARG A 277 -14.03 9.86 30.08
CA ARG A 277 -13.43 10.04 28.79
C ARG A 277 -12.53 11.26 28.90
N ILE A 278 -11.36 11.17 28.28
CA ILE A 278 -10.41 12.26 28.26
C ILE A 278 -10.96 13.51 27.59
N SER A 279 -10.66 14.67 28.13
CA SER A 279 -11.01 15.91 27.47
C SER A 279 -10.03 16.14 26.34
N ALA A 280 -10.39 17.05 25.45
CA ALA A 280 -9.45 17.49 24.42
C ALA A 280 -8.22 18.07 25.08
N ARG A 281 -8.47 18.99 26.01
CA ARG A 281 -7.40 19.65 26.73
C ARG A 281 -6.36 18.65 27.22
N ASP A 282 -6.78 17.52 27.79
CA ASP A 282 -5.83 16.56 28.36
C ASP A 282 -5.25 15.67 27.31
N ALA A 283 -6.01 15.43 26.24
CA ALA A 283 -5.59 14.56 25.16
C ALA A 283 -4.33 15.12 24.51
N LEU A 284 -4.25 16.43 24.40
CA LEU A 284 -3.03 17.11 23.92
C LEU A 284 -1.77 16.71 24.63
N GLU A 285 -1.88 16.31 25.88
CA GLU A 285 -0.73 16.00 26.70
C GLU A 285 -0.37 14.52 26.60
N HIS A 286 -1.17 13.75 25.87
CA HIS A 286 -0.92 12.31 25.78
C HIS A 286 0.45 12.03 25.20
N GLU A 287 1.09 11.00 25.74
CA GLU A 287 2.45 10.68 25.39
C GLU A 287 2.58 10.59 23.89
N TRP A 288 1.69 9.83 23.29
CA TRP A 288 1.71 9.58 21.87
C TRP A 288 1.78 10.88 21.06
N LEU A 289 0.95 11.86 21.40
CA LEU A 289 0.86 13.05 20.56
C LEU A 289 2.14 13.88 20.62
N LYS A 290 2.80 13.86 21.78
CA LYS A 290 4.00 14.65 22.05
C LYS A 290 5.25 14.09 21.38
N THR A 291 5.53 12.82 21.66
CA THR A 291 6.74 12.09 21.23
C THR A 291 6.99 12.25 19.74
N THR A 292 5.90 12.15 18.98
CA THR A 292 5.96 12.23 17.54
C THR A 292 5.85 13.70 17.09
N SER A 298 13.41 21.64 11.34
CA SER A 298 12.02 21.93 11.68
C SER A 298 11.71 23.43 11.56
N ILE A 299 12.53 24.27 12.19
CA ILE A 299 12.32 25.71 12.10
C ILE A 299 13.65 26.39 11.92
N ASP A 300 13.72 27.34 11.00
CA ASP A 300 14.97 28.05 10.82
C ASP A 300 15.10 29.01 11.97
N VAL A 301 16.29 29.08 12.56
CA VAL A 301 16.53 29.97 13.66
C VAL A 301 16.32 31.42 13.22
N PRO A 302 16.72 31.76 11.98
CA PRO A 302 16.51 33.14 11.53
C PRO A 302 15.07 33.57 11.59
N SER A 303 14.19 32.74 11.07
CA SER A 303 12.78 33.09 11.06
C SER A 303 12.27 33.27 12.47
N LEU A 304 12.69 32.38 13.38
CA LEU A 304 12.27 32.44 14.77
C LEU A 304 12.78 33.71 15.42
N GLU A 305 14.04 33.98 15.14
CA GLU A 305 14.66 35.17 15.61
C GLU A 305 13.93 36.43 15.18
N SER A 306 13.62 36.55 13.90
CA SER A 306 12.92 37.74 13.39
C SER A 306 11.54 37.91 13.96
N THR A 307 10.83 36.82 14.09
CA THR A 307 9.49 36.84 14.62
C THR A 307 9.53 37.31 16.07
N ILE A 308 10.41 36.72 16.87
CA ILE A 308 10.55 37.16 18.26
C ILE A 308 11.06 38.62 18.31
N LEU A 309 11.90 39.02 17.39
CA LEU A 309 12.35 40.41 17.34
C LEU A 309 11.19 41.34 16.99
N ASN A 310 10.42 40.98 15.97
CA ASN A 310 9.28 41.78 15.55
C ASN A 310 8.28 41.90 16.70
N ILE A 311 8.09 40.84 17.48
CA ILE A 311 7.16 40.90 18.62
C ILE A 311 7.68 41.83 19.72
N ARG A 312 8.94 41.72 20.05
CA ARG A 312 9.52 42.57 21.09
C ARG A 312 9.48 44.03 20.76
N GLN A 313 9.56 44.37 19.48
CA GLN A 313 9.66 45.76 19.08
C GLN A 313 8.32 46.42 18.84
N PHE A 314 7.24 45.65 18.91
CA PHE A 314 5.88 46.21 18.81
C PHE A 314 5.58 46.99 20.07
N GLN A 315 5.26 48.26 19.89
CA GLN A 315 4.85 49.11 21.00
C GLN A 315 3.37 49.30 20.84
N GLY A 316 2.63 49.29 21.95
CA GLY A 316 1.20 49.49 21.90
C GLY A 316 0.94 50.86 21.37
N THR A 317 -0.28 51.12 20.96
CA THR A 317 -0.60 52.42 20.44
C THR A 317 -2.08 52.69 20.51
N GLN A 318 -2.46 53.85 20.00
CA GLN A 318 -3.84 54.29 20.04
C GLN A 318 -4.73 53.37 19.20
N LYS A 319 -6.02 53.47 19.45
CA LYS A 319 -6.97 52.47 19.01
C LYS A 319 -7.12 52.43 17.50
N LEU A 320 -7.13 53.58 16.84
CA LEU A 320 -7.21 53.58 15.38
C LEU A 320 -6.12 52.70 14.79
N ALA A 321 -4.89 52.87 15.22
CA ALA A 321 -3.80 52.03 14.71
C ALA A 321 -3.99 50.55 15.08
N ALA A 322 -4.48 50.30 16.28
CA ALA A 322 -4.64 48.94 16.75
C ALA A 322 -5.61 48.21 15.85
N ALA A 323 -6.77 48.80 15.63
CA ALA A 323 -7.74 48.16 14.76
C ALA A 323 -7.15 47.94 13.38
N ALA A 324 -6.45 48.94 12.89
CA ALA A 324 -5.90 48.90 11.56
C ALA A 324 -4.99 47.72 11.44
N LEU A 325 -4.12 47.53 12.43
CA LEU A 325 -3.13 46.47 12.34
C LEU A 325 -3.81 45.12 12.50
N LEU A 326 -4.73 45.04 13.44
CA LEU A 326 -5.34 43.78 13.66
C LEU A 326 -6.14 43.42 12.41
N TYR A 327 -6.80 44.40 11.82
CA TYR A 327 -7.50 44.17 10.58
C TYR A 327 -6.59 43.65 9.48
N MET A 328 -5.43 44.27 9.39
CA MET A 328 -4.48 43.90 8.35
C MET A 328 -3.96 42.52 8.61
N GLY A 329 -3.63 42.26 9.86
CA GLY A 329 -3.20 40.93 10.24
C GLY A 329 -4.25 39.84 10.08
N SER A 330 -5.45 40.11 10.54
CA SER A 330 -6.40 39.05 10.72
C SER A 330 -7.24 38.80 9.45
N LYS A 331 -7.52 39.85 8.69
CA LYS A 331 -8.35 39.74 7.47
C LYS A 331 -7.66 39.96 6.13
N LEU A 332 -6.49 40.58 6.09
CA LEU A 332 -5.88 40.98 4.81
C LEU A 332 -4.61 40.20 4.44
N THR A 333 -4.22 39.24 5.27
CA THR A 333 -3.10 38.37 4.96
C THR A 333 -3.60 37.02 4.45
N THR A 334 -2.87 36.51 3.49
CA THR A 334 -3.20 35.24 2.87
C THR A 334 -2.58 34.12 3.67
N ASN A 335 -3.03 32.91 3.39
CA ASN A 335 -2.45 31.74 4.00
C ASN A 335 -1.01 31.55 3.64
N GLU A 336 -0.69 31.81 2.37
CA GLU A 336 0.66 31.67 1.88
C GLU A 336 1.58 32.55 2.72
N GLU A 337 1.12 33.76 3.04
CA GLU A 337 1.91 34.72 3.81
C GLU A 337 2.16 34.34 5.25
N THR A 338 1.30 33.52 5.83
CA THR A 338 1.46 33.20 7.22
C THR A 338 1.92 31.79 7.50
N VAL A 339 2.49 31.06 6.54
CA VAL A 339 2.80 29.65 6.85
C VAL A 339 3.93 29.54 7.89
N GLU A 340 4.99 30.33 7.76
CA GLU A 340 6.05 30.28 8.75
C GLU A 340 5.44 30.65 10.08
N LEU A 341 4.72 31.75 10.10
CA LEU A 341 4.15 32.27 11.33
C LEU A 341 3.20 31.30 11.99
N ASN A 342 2.38 30.63 11.21
CA ASN A 342 1.55 29.55 11.72
C ASN A 342 2.30 28.42 12.43
N LYS A 343 3.41 27.94 11.88
CA LYS A 343 4.20 26.85 12.52
C LYS A 343 4.74 27.31 13.87
N ILE A 344 5.37 28.47 13.83
CA ILE A 344 5.97 29.06 15.03
C ILE A 344 4.97 29.13 16.17
N PHE A 345 3.75 29.57 15.88
CA PHE A 345 2.73 29.72 16.90
C PHE A 345 2.40 28.42 17.60
N GLN A 346 2.24 27.37 16.81
CA GLN A 346 1.81 26.08 17.32
C GLN A 346 2.92 25.47 18.14
N ARG A 347 4.17 25.81 17.81
CA ARG A 347 5.28 25.29 18.58
C ARG A 347 5.43 26.12 19.88
N MET A 348 5.26 27.43 19.79
CA MET A 348 5.32 28.26 20.97
C MET A 348 4.13 27.97 21.88
N ASP A 349 3.08 27.38 21.33
CA ASP A 349 1.95 26.96 22.16
C ASP A 349 2.19 25.56 22.70
N LYS A 350 2.93 25.48 23.80
CA LYS A 350 3.34 24.19 24.32
C LYS A 350 2.12 23.37 24.68
N ASN A 351 1.11 23.99 25.26
CA ASN A 351 -0.03 23.21 25.68
C ASN A 351 -1.11 23.11 24.60
N GLY A 352 -0.82 23.57 23.38
CA GLY A 352 -1.76 23.46 22.25
C GLY A 352 -3.05 24.28 22.27
N ASP A 353 -3.44 24.84 23.41
CA ASP A 353 -4.81 25.41 23.54
C ASP A 353 -5.16 26.60 22.66
N GLY A 354 -4.29 26.93 21.72
CA GLY A 354 -4.52 28.03 20.79
C GLY A 354 -4.44 29.44 21.33
N GLN A 355 -3.79 29.61 22.46
CA GLN A 355 -3.54 30.93 23.06
C GLN A 355 -2.14 30.85 23.60
N LEU A 356 -1.36 31.91 23.40
CA LEU A 356 -0.04 31.99 24.00
C LEU A 356 -0.15 32.74 25.30
N ASP A 357 0.41 32.17 26.35
CA ASP A 357 0.39 32.81 27.68
C ASP A 357 1.78 33.29 28.09
N LYS A 358 1.81 34.02 29.20
CA LYS A 358 3.06 34.54 29.73
C LYS A 358 4.14 33.49 29.69
N GLN A 359 3.84 32.33 30.22
CA GLN A 359 4.84 31.30 30.44
C GLN A 359 5.32 30.67 29.11
N GLU A 360 4.40 30.48 28.18
CA GLU A 360 4.74 29.93 26.89
C GLU A 360 5.58 30.91 26.12
N LEU A 361 5.30 32.19 26.33
CA LEU A 361 6.02 33.24 25.63
C LEU A 361 7.40 33.36 26.20
N MET A 362 7.49 33.16 27.50
CA MET A 362 8.78 33.15 28.16
C MET A 362 9.67 32.06 27.61
N GLU A 363 9.09 30.87 27.47
CA GLU A 363 9.80 29.72 26.95
C GLU A 363 10.18 29.84 25.50
N GLY A 364 9.48 30.67 24.76
CA GLY A 364 9.86 30.92 23.37
C GLY A 364 11.19 31.63 23.29
N TYR A 365 11.28 32.75 23.98
CA TYR A 365 12.54 33.46 24.13
C TYR A 365 13.65 32.53 24.64
N VAL A 366 13.35 31.74 25.65
CA VAL A 366 14.37 30.87 26.25
C VAL A 366 14.82 29.85 25.21
N GLU A 367 13.85 29.17 24.62
CA GLU A 367 14.07 28.22 23.53
C GLU A 367 14.96 28.85 22.45
N LEU A 368 14.68 30.09 22.07
CA LEU A 368 15.52 30.78 21.11
C LEU A 368 16.93 31.01 21.64
N MET A 369 17.02 31.35 22.92
CA MET A 369 18.30 31.54 23.57
C MET A 369 19.15 30.29 23.56
N LYS A 370 18.55 29.14 23.86
CA LYS A 370 19.24 27.85 23.71
C LYS A 370 19.76 27.65 22.28
N LEU A 371 18.91 27.95 21.30
CA LEU A 371 19.23 27.80 19.87
C LEU A 371 20.40 28.67 19.45
N LYS A 372 20.63 29.75 20.19
CA LYS A 372 21.75 30.66 19.99
C LYS A 372 22.94 30.37 20.92
N GLY A 373 22.91 29.22 21.58
CA GLY A 373 23.98 28.82 22.49
C GLY A 373 24.06 29.52 23.83
N GLU A 374 23.26 30.57 24.03
CA GLU A 374 23.26 31.26 25.32
C GLU A 374 23.16 30.22 26.43
N ASP A 375 23.49 30.63 27.64
CA ASP A 375 23.44 29.73 28.78
C ASP A 375 22.18 29.99 29.58
N VAL A 376 21.46 28.92 29.93
CA VAL A 376 20.22 29.05 30.67
C VAL A 376 20.43 29.81 31.98
N SER A 377 21.15 29.18 32.90
CA SER A 377 21.42 29.78 34.19
C SER A 377 21.85 31.24 34.05
N ALA A 378 22.52 31.55 32.94
CA ALA A 378 22.99 32.91 32.69
C ALA A 378 21.88 33.82 32.20
N LEU A 379 20.64 33.46 32.47
CA LEU A 379 19.49 34.25 32.05
C LEU A 379 18.77 34.79 33.28
N ASP A 380 18.25 36.00 33.17
CA ASP A 380 17.54 36.60 34.26
C ASP A 380 16.11 36.25 34.02
N GLN A 381 15.63 35.19 34.67
CA GLN A 381 14.25 34.73 34.46
C GLN A 381 13.23 35.81 34.78
N SER A 382 13.45 36.57 35.85
CA SER A 382 12.54 37.62 36.27
C SER A 382 12.61 38.84 35.34
N ALA A 383 13.78 39.08 34.74
CA ALA A 383 13.88 40.14 33.74
C ALA A 383 13.13 39.75 32.49
N ILE A 384 13.20 38.48 32.09
CA ILE A 384 12.48 38.05 30.92
C ILE A 384 10.99 38.13 31.21
N GLU A 385 10.62 37.65 32.39
CA GLU A 385 9.23 37.69 32.84
C GLU A 385 8.67 39.11 32.71
N PHE A 386 9.46 40.09 33.11
CA PHE A 386 9.07 41.47 32.97
C PHE A 386 9.03 41.86 31.50
N GLU A 387 10.05 41.44 30.76
CA GLU A 387 10.15 41.64 29.32
C GLU A 387 8.82 41.15 28.69
N VAL A 388 8.39 39.94 29.07
CA VAL A 388 7.17 39.33 28.52
C VAL A 388 5.87 39.96 29.06
N GLU A 389 5.86 40.42 30.32
CA GLU A 389 4.68 41.12 30.83
C GLU A 389 4.35 42.30 29.96
N GLN A 390 5.39 42.97 29.46
CA GLN A 390 5.22 44.19 28.68
C GLN A 390 4.81 43.90 27.25
N VAL A 391 5.39 42.85 26.64
CA VAL A 391 4.95 42.36 25.31
C VAL A 391 3.47 42.05 25.30
N LEU A 392 3.07 41.29 26.28
CA LEU A 392 1.69 40.96 26.43
C LEU A 392 0.87 42.19 26.52
N ASP A 393 1.30 43.14 27.34
CA ASP A 393 0.52 44.37 27.48
C ASP A 393 0.36 45.02 26.10
N ALA A 394 1.43 45.01 25.32
CA ALA A 394 1.47 45.69 24.00
C ALA A 394 0.63 45.02 22.94
N VAL A 395 0.76 43.72 22.87
CA VAL A 395 0.19 42.94 21.79
C VAL A 395 -1.22 42.45 22.09
N ASP A 396 -1.59 42.30 23.36
CA ASP A 396 -2.87 41.72 23.73
C ASP A 396 -3.94 42.73 23.41
N PHE A 397 -4.26 42.80 22.13
CA PHE A 397 -5.25 43.69 21.59
C PHE A 397 -6.60 43.67 22.31
N ASP A 398 -7.09 42.51 22.73
CA ASP A 398 -8.42 42.46 23.34
C ASP A 398 -8.39 42.37 24.84
N LYS A 399 -7.18 42.45 25.40
CA LYS A 399 -6.96 42.50 26.83
C LYS A 399 -7.60 41.31 27.57
N ASN A 400 -7.49 40.10 27.01
CA ASN A 400 -8.05 38.89 27.63
C ASN A 400 -6.94 38.06 28.28
N GLY A 401 -5.74 38.67 28.31
CA GLY A 401 -4.58 38.13 28.97
C GLY A 401 -3.85 37.09 28.16
N PHE A 402 -4.16 36.95 26.89
CA PHE A 402 -3.55 35.92 26.07
C PHE A 402 -3.27 36.51 24.74
N ILE A 403 -2.21 36.05 24.11
CA ILE A 403 -1.93 36.38 22.73
C ILE A 403 -2.48 35.32 21.79
N GLU A 404 -3.55 35.65 21.08
CA GLU A 404 -4.19 34.72 20.17
C GLU A 404 -3.56 34.82 18.79
N TYR A 405 -3.87 33.83 17.94
CA TYR A 405 -3.27 33.69 16.63
C TYR A 405 -3.25 34.96 15.78
N SER A 406 -4.35 35.67 15.68
CA SER A 406 -4.36 36.80 14.78
C SER A 406 -3.57 37.96 15.34
N GLU A 407 -3.62 38.11 16.66
CA GLU A 407 -2.81 39.11 17.38
C GLU A 407 -1.32 38.80 17.12
N PHE A 408 -1.00 37.51 17.21
CA PHE A 408 0.36 37.03 16.93
C PHE A 408 0.78 37.43 15.54
N VAL A 409 -0.07 37.12 14.55
CA VAL A 409 0.28 37.30 13.17
C VAL A 409 0.49 38.79 12.90
N THR A 410 -0.45 39.60 13.34
CA THR A 410 -0.37 41.03 13.13
C THR A 410 0.96 41.61 13.56
N VAL A 411 1.44 41.07 14.66
CA VAL A 411 2.54 41.64 15.40
C VAL A 411 3.85 41.02 14.98
N ALA A 412 3.81 39.75 14.63
CA ALA A 412 5.03 39.02 14.36
C ALA A 412 5.47 39.13 12.89
N MET A 413 4.57 39.53 12.02
CA MET A 413 4.88 39.58 10.61
C MET A 413 5.78 40.79 10.42
N ASP A 414 6.70 40.70 9.47
CA ASP A 414 7.58 41.79 9.14
C ASP A 414 6.75 43.00 8.72
N ARG A 415 6.96 44.14 9.38
CA ARG A 415 6.08 45.31 9.23
C ARG A 415 6.09 45.90 7.81
N LYS A 416 7.18 45.74 7.07
CA LYS A 416 7.22 46.24 5.67
C LYS A 416 6.37 45.36 4.79
N THR A 417 6.46 44.05 5.02
CA THR A 417 5.59 43.08 4.37
C THR A 417 4.13 43.34 4.70
N LEU A 418 3.82 43.45 6.00
CA LEU A 418 2.43 43.64 6.47
C LEU A 418 1.91 44.95 5.98
N LEU A 419 2.66 46.02 6.21
CA LEU A 419 2.27 47.36 5.80
C LEU A 419 2.68 47.57 4.37
N SER A 420 2.29 46.63 3.51
CA SER A 420 2.39 46.79 2.07
C SER A 420 1.47 47.95 1.69
N ARG A 421 1.76 48.58 0.55
CA ARG A 421 0.97 49.68 0.01
C ARG A 421 -0.48 49.28 -0.27
N GLN A 422 -0.69 48.03 -0.67
CA GLN A 422 -2.03 47.47 -0.91
C GLN A 422 -2.81 47.37 0.36
N ARG A 423 -2.20 46.71 1.32
CA ARG A 423 -2.87 46.37 2.55
C ARG A 423 -3.31 47.69 3.21
N LEU A 424 -2.40 48.66 3.24
CA LEU A 424 -2.70 49.96 3.80
C LEU A 424 -3.91 50.61 3.15
N GLU A 425 -3.93 50.61 1.82
CA GLU A 425 -4.99 51.24 1.02
C GLU A 425 -6.28 50.54 1.37
N ARG A 426 -6.26 49.21 1.31
CA ARG A 426 -7.45 48.38 1.59
C ARG A 426 -7.98 48.58 3.04
N ALA A 427 -7.09 48.68 4.02
CA ALA A 427 -7.54 48.91 5.38
C ALA A 427 -8.27 50.24 5.51
N PHE A 428 -7.67 51.32 5.02
CA PHE A 428 -8.30 52.63 5.13
C PHE A 428 -9.67 52.63 4.47
N GLY A 429 -9.73 52.04 3.27
CA GLY A 429 -10.98 51.88 2.55
C GLY A 429 -12.09 51.32 3.40
N MET A 430 -11.77 50.25 4.12
CA MET A 430 -12.72 49.58 5.04
C MET A 430 -13.12 50.45 6.24
N PHE A 431 -12.18 51.24 6.75
CA PHE A 431 -12.49 52.09 7.89
C PHE A 431 -13.39 53.23 7.47
N ASP A 432 -13.04 53.85 6.34
CA ASP A 432 -13.81 54.97 5.84
C ASP A 432 -15.08 54.50 5.16
N ALA A 433 -16.08 54.17 5.98
CA ALA A 433 -17.33 53.53 5.55
C ALA A 433 -18.16 54.32 4.53
N ASP A 434 -18.30 55.63 4.77
CA ASP A 434 -19.09 56.53 3.92
C ASP A 434 -18.27 57.05 2.74
N GLY A 435 -17.14 56.40 2.45
CA GLY A 435 -16.29 56.76 1.31
C GLY A 435 -15.70 58.16 1.32
N SER A 436 -15.84 58.89 2.42
CA SER A 436 -15.55 60.34 2.42
C SER A 436 -14.07 60.70 2.31
N GLY A 437 -13.20 59.68 2.33
CA GLY A 437 -11.77 59.89 2.29
C GLY A 437 -11.20 60.34 3.61
N LYS A 438 -12.01 60.29 4.67
CA LYS A 438 -11.55 60.58 6.04
C LYS A 438 -12.22 59.67 7.07
N ILE A 439 -11.42 59.14 7.99
CA ILE A 439 -11.92 58.34 9.11
C ILE A 439 -12.46 59.22 10.25
N SER A 440 -13.76 59.14 10.50
CA SER A 440 -14.38 59.84 11.61
C SER A 440 -14.49 58.92 12.83
N SER A 441 -14.58 59.54 14.00
CA SER A 441 -14.81 58.80 15.23
C SER A 441 -16.02 57.86 15.10
N SER A 442 -17.06 58.30 14.39
CA SER A 442 -18.25 57.46 14.17
C SER A 442 -17.90 56.21 13.38
N GLU A 443 -17.13 56.41 12.32
CA GLU A 443 -16.59 55.30 11.56
C GLU A 443 -15.76 54.39 12.47
N LEU A 444 -14.95 54.99 13.34
CA LEU A 444 -14.15 54.17 14.27
C LEU A 444 -15.05 53.36 15.22
N ALA A 445 -16.06 53.99 15.77
CA ALA A 445 -16.99 53.29 16.62
C ALA A 445 -17.59 52.11 15.89
N THR A 446 -17.98 52.33 14.63
CA THR A 446 -18.58 51.31 13.80
C THR A 446 -17.62 50.14 13.63
N ILE A 447 -16.34 50.44 13.40
CA ILE A 447 -15.35 49.39 13.20
C ILE A 447 -15.30 48.53 14.43
N PHE A 448 -15.34 49.16 15.60
CA PHE A 448 -15.30 48.43 16.86
C PHE A 448 -16.57 47.66 17.21
N GLY A 449 -17.72 48.16 16.74
CA GLY A 449 -18.98 47.50 16.97
C GLY A 449 -19.65 48.09 18.18
N VAL A 450 -19.42 49.39 18.38
CA VAL A 450 -19.84 50.10 19.58
C VAL A 450 -20.46 51.45 19.16
N SER A 451 -21.35 52.01 19.99
CA SER A 451 -22.23 53.13 19.57
C SER A 451 -21.49 54.40 19.21
N GLU A 452 -20.50 54.71 20.04
CA GLU A 452 -19.55 55.78 19.73
C GLU A 452 -18.31 55.56 20.56
N VAL A 453 -17.22 56.24 20.20
CA VAL A 453 -15.98 56.10 20.94
C VAL A 453 -15.85 57.21 21.99
N ASP A 454 -15.32 56.85 23.17
CA ASP A 454 -15.00 57.84 24.22
C ASP A 454 -14.26 59.02 23.63
N SER A 455 -14.81 60.21 23.87
CA SER A 455 -14.16 61.44 23.47
C SER A 455 -12.70 61.43 23.91
N GLU A 456 -12.45 60.78 25.05
CA GLU A 456 -11.11 60.58 25.57
C GLU A 456 -10.22 59.71 24.67
N THR A 457 -10.75 58.63 24.14
CA THR A 457 -9.98 57.75 23.28
C THR A 457 -9.80 58.34 21.90
N TRP A 458 -10.80 59.06 21.41
CA TRP A 458 -10.69 59.76 20.11
C TRP A 458 -9.67 60.89 20.27
N ARG A 459 -9.76 61.65 21.38
CA ARG A 459 -8.73 62.65 21.74
C ARG A 459 -7.34 62.04 21.66
N ARG A 460 -7.12 60.94 22.40
CA ARG A 460 -5.84 60.21 22.39
C ARG A 460 -5.38 59.81 20.98
N VAL A 461 -6.31 59.65 20.04
CA VAL A 461 -5.99 59.31 18.64
C VAL A 461 -5.48 60.52 17.88
N LEU A 462 -6.32 61.53 17.72
CA LEU A 462 -5.96 62.71 16.92
C LEU A 462 -4.65 63.25 17.43
N ALA A 463 -4.59 63.52 18.73
CA ALA A 463 -3.37 64.03 19.36
C ALA A 463 -2.10 63.35 18.82
N GLU A 464 -2.20 62.10 18.39
CA GLU A 464 -1.06 61.40 17.80
C GLU A 464 -1.05 61.34 16.27
N VAL A 465 -2.20 61.56 15.60
CA VAL A 465 -2.33 61.31 14.13
C VAL A 465 -2.72 62.50 13.25
N ASP A 466 -3.48 63.45 13.79
CA ASP A 466 -4.05 64.51 12.97
C ASP A 466 -2.99 65.50 12.52
N ARG A 467 -2.95 65.72 11.21
CA ARG A 467 -1.97 66.57 10.57
C ARG A 467 -2.62 67.89 10.16
N ASN A 468 -3.53 67.87 9.20
CA ASN A 468 -4.11 69.13 8.74
C ASN A 468 -4.60 69.85 10.00
N ASN A 469 -5.16 69.03 10.90
CA ASN A 469 -5.74 69.46 12.20
C ASN A 469 -7.27 69.63 12.14
N ASP A 470 -7.94 68.79 11.34
CA ASP A 470 -9.32 69.04 10.95
C ASP A 470 -10.36 68.12 11.63
N GLY A 471 -9.96 67.36 12.65
CA GLY A 471 -10.90 66.52 13.38
C GLY A 471 -11.06 65.10 12.84
N GLU A 472 -10.35 64.79 11.76
CA GLU A 472 -10.45 63.50 11.10
C GLU A 472 -9.11 63.01 10.56
N VAL A 473 -9.07 61.71 10.27
CA VAL A 473 -7.87 61.05 9.77
C VAL A 473 -8.04 60.63 8.32
N ASP A 474 -7.24 61.22 7.43
CA ASP A 474 -7.29 60.93 5.99
C ASP A 474 -6.22 59.90 5.62
N PHE A 475 -6.16 59.53 4.33
CA PHE A 475 -5.23 58.48 3.90
C PHE A 475 -3.75 58.80 4.05
N GLU A 476 -3.36 60.07 4.26
CA GLU A 476 -1.94 60.39 4.47
C GLU A 476 -1.57 60.31 5.94
N GLU A 477 -2.45 60.92 6.73
CA GLU A 477 -2.47 60.82 8.17
C GLU A 477 -2.42 59.35 8.59
N PHE A 478 -3.30 58.54 8.01
CA PHE A 478 -3.33 57.10 8.27
C PHE A 478 -1.98 56.45 7.93
N ARG A 479 -1.53 56.72 6.70
CA ARG A 479 -0.35 56.10 6.13
C ARG A 479 0.84 56.27 7.06
N GLN A 480 1.07 57.49 7.53
CA GLN A 480 2.23 57.81 8.41
C GLN A 480 2.11 57.17 9.80
N MET A 481 0.90 57.19 10.34
CA MET A 481 0.60 56.54 11.60
C MET A 481 1.21 55.15 11.73
N LEU A 482 0.99 54.31 10.73
CA LEU A 482 1.51 52.95 10.79
C LEU A 482 2.90 52.87 10.19
N LEU A 483 3.18 53.75 9.23
CA LEU A 483 4.41 53.68 8.46
C LEU A 483 5.66 53.92 9.29
N LYS A 484 5.51 54.53 10.47
CA LYS A 484 6.63 54.68 11.39
C LYS A 484 7.05 53.31 11.93
N LEU A 485 6.63 52.25 11.23
CA LEU A 485 6.85 50.84 11.63
C LEU A 485 7.09 50.62 13.12
N LYS B 12 5.00 -8.42 0.20
CA LYS B 12 5.95 -8.96 -0.83
C LYS B 12 5.19 -9.82 -1.82
N LEU B 13 5.12 -9.35 -3.07
CA LEU B 13 4.52 -10.11 -4.17
C LEU B 13 5.45 -11.25 -4.65
N ALA B 14 4.94 -12.48 -4.63
CA ALA B 14 5.73 -13.69 -4.94
C ALA B 14 5.80 -13.87 -6.43
N ALA B 15 7.00 -13.82 -6.99
CA ALA B 15 7.19 -14.11 -8.40
C ALA B 15 7.25 -15.63 -8.61
N THR B 16 6.36 -16.14 -9.44
CA THR B 16 6.34 -17.56 -9.75
C THR B 16 6.11 -17.69 -11.23
N PRO B 17 6.63 -18.75 -11.86
CA PRO B 17 6.33 -18.92 -13.30
C PRO B 17 4.82 -18.93 -13.57
N GLY B 18 4.08 -19.58 -12.70
CA GLY B 18 2.64 -19.70 -12.87
C GLY B 18 1.90 -18.40 -13.02
N MET B 19 2.37 -17.34 -12.35
CA MET B 19 1.63 -16.09 -12.37
C MET B 19 1.64 -15.50 -13.79
N PHE B 20 2.58 -15.98 -14.62
CA PHE B 20 2.71 -15.47 -15.97
C PHE B 20 1.71 -16.06 -16.93
N VAL B 21 1.09 -17.19 -16.59
CA VAL B 21 0.10 -17.77 -17.49
C VAL B 21 -1.20 -17.06 -17.17
N GLN B 22 -1.72 -16.33 -18.14
CA GLN B 22 -2.96 -15.58 -17.93
C GLN B 22 -3.98 -16.11 -18.90
N HIS B 23 -5.25 -15.96 -18.53
CA HIS B 23 -6.37 -16.24 -19.42
C HIS B 23 -6.31 -15.16 -20.49
N SER B 24 -5.97 -15.54 -21.72
CA SER B 24 -5.83 -14.55 -22.79
C SER B 24 -7.18 -13.97 -23.17
N THR B 25 -7.14 -12.84 -23.87
CA THR B 25 -8.35 -12.25 -24.43
C THR B 25 -8.04 -11.90 -25.85
N ALA B 26 -7.40 -12.84 -26.53
CA ALA B 26 -7.32 -12.91 -27.97
C ALA B 26 -7.95 -14.27 -28.33
N ALA B 27 -8.24 -14.48 -29.62
CA ALA B 27 -8.65 -15.80 -30.09
C ALA B 27 -7.44 -16.68 -30.33
N PHE B 28 -7.55 -17.95 -29.98
CA PHE B 28 -6.44 -18.88 -30.17
C PHE B 28 -5.84 -18.68 -31.55
N SER B 29 -6.69 -18.71 -32.55
CA SER B 29 -6.22 -18.60 -33.93
C SER B 29 -5.57 -17.29 -34.32
N ASP B 30 -5.80 -16.23 -33.57
CA ASP B 30 -5.03 -15.00 -33.78
C ASP B 30 -3.57 -15.18 -33.41
N ARG B 31 -3.21 -16.13 -32.57
CA ARG B 31 -1.81 -16.27 -32.19
C ARG B 31 -1.16 -17.61 -32.49
N TYR B 32 -1.93 -18.64 -32.87
CA TYR B 32 -1.34 -19.95 -33.19
C TYR B 32 -1.85 -20.58 -34.46
N LYS B 33 -1.02 -21.47 -35.04
CA LYS B 33 -1.31 -22.16 -36.28
C LYS B 33 -0.98 -23.63 -36.15
N GLY B 34 -1.95 -24.51 -36.42
CA GLY B 34 -1.73 -25.96 -36.35
C GLY B 34 -0.80 -26.53 -37.39
N GLN B 35 -0.03 -27.52 -36.99
CA GLN B 35 1.01 -28.11 -37.81
C GLN B 35 0.69 -29.56 -37.99
N ARG B 36 0.62 -30.28 -36.88
CA ARG B 36 0.25 -31.68 -36.89
C ARG B 36 -0.33 -32.11 -35.58
N VAL B 37 -0.83 -33.32 -35.55
CA VAL B 37 -1.37 -33.88 -34.36
C VAL B 37 -0.24 -34.65 -33.74
N LEU B 38 -0.10 -34.49 -32.41
CA LEU B 38 0.86 -35.22 -31.57
C LEU B 38 0.17 -36.34 -30.85
N GLY B 39 -1.10 -36.16 -30.54
CA GLY B 39 -1.86 -37.20 -29.88
C GLY B 39 -3.30 -36.79 -29.73
N LYS B 40 -4.17 -37.76 -29.53
CA LYS B 40 -5.56 -37.47 -29.31
C LYS B 40 -5.83 -38.02 -27.97
N GLY B 41 -6.75 -37.37 -27.29
CA GLY B 41 -7.08 -37.75 -25.95
C GLY B 41 -8.52 -38.13 -25.92
N SER B 42 -9.01 -38.27 -24.71
CA SER B 42 -10.34 -38.79 -24.47
C SER B 42 -11.40 -37.77 -24.94
N PHE B 43 -11.11 -36.47 -24.77
CA PHE B 43 -12.09 -35.42 -25.06
C PHE B 43 -11.52 -34.29 -25.91
N GLY B 44 -10.56 -34.61 -26.78
CA GLY B 44 -9.95 -33.61 -27.66
C GLY B 44 -8.59 -34.09 -28.17
N GLU B 45 -7.78 -33.20 -28.72
CA GLU B 45 -6.47 -33.63 -29.18
C GLU B 45 -5.40 -32.60 -28.86
N VAL B 46 -4.13 -33.01 -28.89
CA VAL B 46 -2.99 -32.13 -28.62
C VAL B 46 -2.36 -31.82 -29.95
N ILE B 47 -2.25 -30.54 -30.27
CA ILE B 47 -1.84 -30.14 -31.60
C ILE B 47 -0.61 -29.24 -31.59
N LEU B 48 0.42 -29.71 -32.30
CA LEU B 48 1.65 -28.97 -32.48
C LEU B 48 1.32 -27.70 -33.18
N CYS B 49 1.64 -26.55 -32.57
CA CYS B 49 1.37 -25.28 -33.21
C CYS B 49 2.60 -24.42 -33.25
N LYS B 50 2.57 -23.43 -34.11
CA LYS B 50 3.61 -22.44 -34.17
C LYS B 50 3.01 -21.12 -33.75
N ASP B 51 3.72 -20.36 -32.93
CA ASP B 51 3.30 -19.01 -32.62
C ASP B 51 3.33 -18.30 -33.99
N LYS B 52 2.27 -17.57 -34.33
CA LYS B 52 2.20 -16.92 -35.64
C LYS B 52 3.23 -15.83 -35.91
N VAL B 53 3.78 -15.22 -34.86
CA VAL B 53 4.75 -14.14 -35.02
C VAL B 53 6.20 -14.64 -35.02
N THR B 54 6.52 -15.62 -34.19
CA THR B 54 7.90 -15.96 -33.91
C THR B 54 8.24 -17.34 -34.36
N GLY B 55 7.29 -18.02 -34.98
CA GLY B 55 7.46 -19.41 -35.42
C GLY B 55 7.85 -20.39 -34.33
N GLN B 56 7.74 -20.03 -33.06
CA GLN B 56 8.15 -20.92 -31.96
C GLN B 56 7.13 -22.02 -31.79
N GLU B 57 7.57 -23.24 -31.52
CA GLU B 57 6.62 -24.36 -31.48
C GLU B 57 6.13 -24.83 -30.10
N TYR B 58 4.81 -24.95 -29.98
CA TYR B 58 4.19 -25.46 -28.77
C TYR B 58 3.30 -26.64 -29.07
N ALA B 59 2.93 -27.33 -27.99
CA ALA B 59 1.90 -28.37 -28.06
C ALA B 59 0.60 -27.87 -27.44
N VAL B 60 -0.41 -27.65 -28.25
CA VAL B 60 -1.66 -27.16 -27.74
C VAL B 60 -2.66 -28.26 -27.46
N LYS B 61 -2.96 -28.46 -26.18
CA LYS B 61 -3.97 -29.40 -25.77
C LYS B 61 -5.31 -28.73 -25.97
N VAL B 62 -6.21 -29.39 -26.69
CA VAL B 62 -7.52 -28.83 -26.98
C VAL B 62 -8.56 -29.69 -26.32
N ILE B 63 -9.52 -29.03 -25.68
CA ILE B 63 -10.48 -29.69 -24.82
C ILE B 63 -11.85 -29.18 -25.22
N SER B 64 -12.63 -30.04 -25.85
CA SER B 64 -14.00 -29.72 -26.23
C SER B 64 -14.90 -29.63 -25.02
N LYS B 65 -15.34 -28.42 -24.71
CA LYS B 65 -16.35 -28.22 -23.67
C LYS B 65 -17.57 -29.17 -23.81
N ARG B 66 -18.11 -29.28 -25.02
CA ARG B 66 -19.21 -30.24 -25.29
C ARG B 66 -18.70 -31.70 -25.32
N LEU B 77 -12.49 -27.38 -16.02
CA LEU B 77 -11.11 -27.39 -16.52
C LEU B 77 -10.31 -26.10 -16.28
N LEU B 78 -10.88 -25.11 -15.59
CA LEU B 78 -10.04 -24.14 -14.94
C LEU B 78 -8.98 -24.93 -14.18
N LYS B 79 -9.32 -26.14 -13.74
CA LYS B 79 -8.49 -26.87 -12.78
C LYS B 79 -7.19 -27.45 -13.30
N GLU B 80 -7.20 -28.04 -14.48
CA GLU B 80 -5.96 -28.53 -15.09
C GLU B 80 -5.00 -27.35 -15.28
N VAL B 81 -5.54 -26.17 -15.54
CA VAL B 81 -4.72 -24.98 -15.70
C VAL B 81 -4.20 -24.52 -14.34
N GLU B 82 -5.04 -24.56 -13.33
CA GLU B 82 -4.69 -24.00 -12.04
C GLU B 82 -3.63 -24.85 -11.33
N LEU B 83 -3.77 -26.18 -11.44
CA LEU B 83 -2.80 -27.09 -10.88
C LEU B 83 -1.48 -26.86 -11.54
N LEU B 84 -1.48 -26.79 -12.85
CA LEU B 84 -0.26 -26.57 -13.60
C LEU B 84 0.46 -25.26 -13.25
N LYS B 85 -0.26 -24.19 -12.99
CA LYS B 85 0.38 -22.94 -12.55
C LYS B 85 1.14 -23.06 -11.22
N LYS B 86 0.74 -23.99 -10.37
CA LYS B 86 1.41 -24.20 -9.10
C LYS B 86 2.67 -25.07 -9.21
N LEU B 87 2.86 -25.77 -10.32
CA LEU B 87 3.99 -26.69 -10.49
C LEU B 87 5.13 -26.11 -11.36
N ASP B 88 6.38 -26.35 -10.93
CA ASP B 88 7.59 -25.93 -11.63
C ASP B 88 8.63 -26.94 -11.26
N HIS B 89 8.94 -27.81 -12.21
CA HIS B 89 9.75 -28.97 -11.93
C HIS B 89 10.32 -29.48 -13.25
N PRO B 90 11.62 -29.86 -13.25
CA PRO B 90 12.29 -30.30 -14.45
C PRO B 90 11.64 -31.52 -15.14
N ASN B 91 10.92 -32.31 -14.37
CA ASN B 91 10.16 -33.43 -14.89
C ASN B 91 8.67 -33.27 -14.87
N ILE B 92 8.19 -32.03 -14.84
CA ILE B 92 6.75 -31.78 -15.01
C ILE B 92 6.55 -30.82 -16.14
N MET B 93 5.55 -31.12 -16.95
CA MET B 93 5.17 -30.34 -18.12
C MET B 93 4.97 -28.87 -17.79
N LYS B 94 5.49 -28.03 -18.66
CA LYS B 94 5.35 -26.59 -18.60
C LYS B 94 4.10 -26.06 -19.36
N LEU B 95 3.30 -25.24 -18.68
CA LEU B 95 2.18 -24.53 -19.27
C LEU B 95 2.61 -23.08 -19.55
N TYR B 96 2.30 -22.56 -20.74
CA TYR B 96 2.70 -21.21 -21.16
C TYR B 96 1.56 -20.23 -21.01
N GLU B 97 0.39 -20.56 -21.58
CA GLU B 97 -0.82 -19.73 -21.46
C GLU B 97 -1.97 -20.55 -21.89
N PHE B 98 -3.17 -19.99 -21.84
CA PHE B 98 -4.31 -20.74 -22.30
C PHE B 98 -5.42 -19.84 -22.76
N PHE B 99 -6.25 -20.40 -23.65
CA PHE B 99 -7.35 -19.68 -24.25
C PHE B 99 -8.63 -20.45 -24.04
N GLU B 100 -9.72 -19.72 -24.05
CA GLU B 100 -11.02 -20.30 -23.92
C GLU B 100 -11.90 -19.78 -25.04
N ASP B 101 -12.75 -20.68 -25.49
CA ASP B 101 -13.63 -20.51 -26.63
C ASP B 101 -15.06 -20.72 -26.18
N LYS B 102 -15.99 -20.47 -27.09
CA LYS B 102 -17.37 -20.95 -26.95
C LYS B 102 -17.36 -22.47 -26.76
N GLY B 103 -16.66 -23.17 -27.64
CA GLY B 103 -16.66 -24.62 -27.63
C GLY B 103 -15.47 -25.31 -26.99
N TYR B 104 -14.48 -24.56 -26.56
CA TYR B 104 -13.19 -25.15 -26.33
C TYR B 104 -12.31 -24.42 -25.34
N PHE B 105 -11.39 -25.17 -24.77
CA PHE B 105 -10.23 -24.64 -24.08
C PHE B 105 -8.99 -24.96 -24.88
N TYR B 106 -8.00 -24.09 -24.80
CA TYR B 106 -6.72 -24.38 -25.40
C TYR B 106 -5.64 -24.13 -24.38
N LEU B 107 -4.82 -25.15 -24.14
CA LEU B 107 -3.73 -25.07 -23.19
C LEU B 107 -2.42 -25.11 -23.90
N VAL B 108 -1.76 -23.98 -23.99
CA VAL B 108 -0.51 -23.90 -24.71
C VAL B 108 0.59 -24.43 -23.83
N THR B 109 1.21 -25.52 -24.28
CA THR B 109 2.19 -26.30 -23.52
C THR B 109 3.51 -26.43 -24.28
N GLU B 110 4.58 -26.72 -23.54
CA GLU B 110 5.85 -27.02 -24.13
C GLU B 110 5.75 -28.32 -24.86
N VAL B 111 6.29 -28.35 -26.08
CA VAL B 111 6.29 -29.59 -26.80
C VAL B 111 7.50 -30.39 -26.37
N TYR B 112 7.25 -31.66 -26.14
CA TYR B 112 8.29 -32.63 -25.89
C TYR B 112 8.38 -33.62 -27.05
N THR B 113 9.47 -33.52 -27.78
CA THR B 113 9.59 -34.14 -29.09
C THR B 113 9.99 -35.61 -29.09
N GLY B 114 10.11 -36.23 -27.92
CA GLY B 114 10.58 -37.60 -27.84
C GLY B 114 9.45 -38.57 -27.78
N GLY B 115 8.22 -38.07 -27.80
CA GLY B 115 7.07 -38.92 -27.71
C GLY B 115 6.95 -39.75 -26.45
N GLU B 116 5.93 -40.60 -26.45
CA GLU B 116 5.48 -41.29 -25.25
C GLU B 116 6.47 -42.34 -24.82
N LEU B 117 6.57 -42.50 -23.53
CA LEU B 117 7.30 -43.60 -22.98
C LEU B 117 6.70 -44.93 -23.46
N PHE B 118 5.40 -44.92 -23.71
CA PHE B 118 4.69 -46.07 -24.24
C PHE B 118 5.30 -46.55 -25.55
N ASP B 119 5.54 -45.62 -26.44
CA ASP B 119 6.15 -45.96 -27.73
C ASP B 119 7.55 -46.52 -27.52
N GLU B 120 8.30 -45.92 -26.60
CA GLU B 120 9.65 -46.40 -26.34
C GLU B 120 9.65 -47.74 -25.67
N ILE B 121 8.61 -47.99 -24.88
CA ILE B 121 8.41 -49.30 -24.24
C ILE B 121 8.08 -50.36 -25.29
N ILE B 122 7.17 -50.05 -26.21
CA ILE B 122 6.79 -51.04 -27.23
C ILE B 122 7.89 -51.20 -28.27
N SER B 123 8.98 -50.46 -28.09
CA SER B 123 10.01 -50.35 -29.11
C SER B 123 11.30 -50.99 -28.67
N ARG B 124 11.83 -50.47 -27.58
CA ARG B 124 13.01 -51.03 -26.93
C ARG B 124 12.64 -52.31 -26.14
N LYS B 125 11.35 -52.49 -25.88
CA LYS B 125 10.81 -53.75 -25.34
C LYS B 125 11.04 -53.88 -23.83
N ARG B 126 12.27 -53.60 -23.43
CA ARG B 126 12.72 -53.83 -22.06
C ARG B 126 13.80 -52.81 -21.76
N PHE B 127 13.86 -52.37 -20.50
CA PHE B 127 14.82 -51.36 -20.13
C PHE B 127 15.96 -51.85 -19.26
N SER B 128 17.14 -51.35 -19.59
CA SER B 128 18.28 -51.30 -18.71
C SER B 128 17.87 -50.90 -17.28
N GLU B 129 18.37 -51.60 -16.28
CA GLU B 129 18.27 -51.13 -14.89
C GLU B 129 18.74 -49.68 -14.72
N VAL B 130 19.79 -49.29 -15.43
CA VAL B 130 20.26 -47.90 -15.42
C VAL B 130 19.17 -46.96 -15.95
N ASP B 131 18.61 -47.31 -17.11
CA ASP B 131 17.68 -46.42 -17.76
C ASP B 131 16.37 -46.40 -16.97
N ALA B 132 15.99 -47.54 -16.42
CA ALA B 132 14.76 -47.62 -15.66
C ALA B 132 14.86 -46.83 -14.36
N ALA B 133 15.99 -46.95 -13.68
CA ALA B 133 16.20 -46.17 -12.44
C ALA B 133 16.15 -44.69 -12.74
N ARG B 134 16.79 -44.26 -13.83
CA ARG B 134 16.81 -42.85 -14.17
C ARG B 134 15.44 -42.32 -14.47
N ILE B 135 14.65 -43.10 -15.20
CA ILE B 135 13.27 -42.75 -15.54
C ILE B 135 12.45 -42.64 -14.28
N ILE B 136 12.55 -43.68 -13.45
CA ILE B 136 11.69 -43.81 -12.29
C ILE B 136 12.07 -42.77 -11.25
N ARG B 137 13.36 -42.53 -11.11
CA ARG B 137 13.82 -41.45 -10.24
C ARG B 137 13.11 -40.14 -10.60
N GLN B 138 13.06 -39.80 -11.89
CA GLN B 138 12.45 -38.55 -12.32
C GLN B 138 10.97 -38.52 -12.11
N VAL B 139 10.27 -39.60 -12.46
CA VAL B 139 8.84 -39.66 -12.15
C VAL B 139 8.59 -39.44 -10.64
N LEU B 140 9.30 -40.21 -9.81
CA LEU B 140 9.20 -40.13 -8.37
C LEU B 140 9.51 -38.70 -7.85
N SER B 141 10.49 -38.04 -8.49
CA SER B 141 10.79 -36.66 -8.16
C SER B 141 9.61 -35.77 -8.48
N GLY B 142 9.06 -35.91 -9.65
CA GLY B 142 7.89 -35.13 -10.03
C GLY B 142 6.74 -35.29 -9.06
N ILE B 143 6.45 -36.51 -8.63
CA ILE B 143 5.31 -36.72 -7.76
C ILE B 143 5.57 -36.38 -6.31
N THR B 144 6.83 -36.56 -5.86
CA THR B 144 7.26 -36.11 -4.53
C THR B 144 7.00 -34.64 -4.43
N TYR B 145 7.40 -33.93 -5.46
CA TYR B 145 7.11 -32.53 -5.54
C TYR B 145 5.60 -32.26 -5.51
N MET B 146 4.84 -32.99 -6.30
CA MET B 146 3.38 -32.78 -6.40
C MET B 146 2.70 -33.03 -5.07
N HIS B 147 3.00 -34.19 -4.54
CA HIS B 147 2.57 -34.54 -3.21
C HIS B 147 2.91 -33.44 -2.22
N LYS B 148 4.13 -32.87 -2.26
CA LYS B 148 4.45 -31.77 -1.35
C LYS B 148 3.47 -30.61 -1.48
N ASN B 149 3.08 -30.32 -2.72
CA ASN B 149 2.16 -29.24 -3.04
C ASN B 149 0.68 -29.64 -3.04
N LYS B 150 0.34 -30.75 -2.38
CA LYS B 150 -1.08 -31.21 -2.21
C LYS B 150 -1.76 -31.53 -3.52
N ILE B 151 -1.03 -32.17 -4.43
CA ILE B 151 -1.57 -32.52 -5.73
C ILE B 151 -1.30 -33.97 -6.01
N VAL B 152 -2.33 -34.67 -6.45
CA VAL B 152 -2.21 -36.09 -6.80
C VAL B 152 -2.52 -36.24 -8.27
N HIS B 153 -1.74 -37.05 -8.97
CA HIS B 153 -1.85 -37.10 -10.43
C HIS B 153 -3.01 -37.97 -10.91
N ARG B 154 -3.04 -39.22 -10.41
CA ARG B 154 -4.17 -40.15 -10.51
C ARG B 154 -4.23 -40.96 -11.80
N ASP B 155 -3.36 -40.62 -12.73
CA ASP B 155 -3.39 -41.23 -14.06
C ASP B 155 -1.97 -41.27 -14.64
N LEU B 156 -1.03 -41.80 -13.86
CA LEU B 156 0.30 -42.01 -14.34
C LEU B 156 0.28 -43.29 -15.13
N LYS B 157 0.87 -43.23 -16.32
CA LYS B 157 1.08 -44.38 -17.21
C LYS B 157 1.98 -43.90 -18.35
N PRO B 158 2.61 -44.84 -19.06
CA PRO B 158 3.56 -44.48 -20.11
C PRO B 158 3.02 -43.51 -21.13
N GLU B 159 1.71 -43.56 -21.34
CA GLU B 159 1.06 -42.67 -22.29
C GLU B 159 1.11 -41.22 -21.79
N ASN B 160 1.19 -41.03 -20.47
CA ASN B 160 1.20 -39.70 -19.88
C ASN B 160 2.57 -39.28 -19.38
N LEU B 161 3.60 -39.94 -19.90
CA LEU B 161 4.99 -39.56 -19.70
C LEU B 161 5.69 -39.35 -21.05
N LEU B 162 6.34 -38.22 -21.23
CA LEU B 162 7.03 -37.98 -22.47
C LEU B 162 8.51 -37.81 -22.27
N LEU B 163 9.27 -38.17 -23.28
CA LEU B 163 10.67 -37.92 -23.35
C LEU B 163 10.79 -36.57 -24.02
N GLU B 164 11.66 -35.69 -23.48
CA GLU B 164 11.76 -34.31 -23.95
C GLU B 164 12.17 -34.16 -25.39
N ASN B 165 13.06 -35.02 -25.82
CA ASN B 165 13.61 -34.94 -27.13
C ASN B 165 14.00 -36.35 -27.57
N LYS B 166 14.70 -36.45 -28.69
CA LYS B 166 14.98 -37.75 -29.27
C LYS B 166 16.22 -38.42 -28.72
N ARG B 167 16.94 -37.73 -27.83
CA ARG B 167 18.25 -38.22 -27.36
C ARG B 167 18.04 -39.48 -26.58
N LYS B 168 19.10 -40.25 -26.45
CA LYS B 168 19.02 -41.63 -25.94
C LYS B 168 18.59 -41.72 -24.50
N ASP B 169 19.08 -40.80 -23.68
CA ASP B 169 18.76 -40.83 -22.26
C ASP B 169 18.05 -39.55 -21.96
N ALA B 170 17.02 -39.32 -22.73
CA ALA B 170 16.27 -38.10 -22.66
C ALA B 170 15.52 -37.98 -21.36
N ASN B 171 15.37 -36.75 -20.94
CA ASN B 171 14.67 -36.40 -19.73
C ASN B 171 13.20 -36.74 -19.81
N ILE B 172 12.57 -36.97 -18.68
CA ILE B 172 11.17 -37.41 -18.62
C ILE B 172 10.24 -36.32 -18.09
N ARG B 173 9.07 -36.18 -18.73
CA ARG B 173 8.08 -35.17 -18.38
C ARG B 173 6.75 -35.80 -18.15
N ILE B 174 6.12 -35.44 -17.05
CA ILE B 174 4.79 -35.88 -16.68
C ILE B 174 3.81 -34.92 -17.33
N ILE B 175 2.67 -35.41 -17.82
CA ILE B 175 1.67 -34.56 -18.47
C ILE B 175 0.26 -35.02 -18.07
N ASP B 176 -0.79 -34.58 -18.75
CA ASP B 176 -2.20 -35.05 -18.50
C ASP B 176 -2.49 -34.84 -17.03
N PHE B 177 -2.51 -33.58 -16.63
CA PHE B 177 -3.06 -33.26 -15.33
C PHE B 177 -4.57 -33.09 -15.32
N GLY B 178 -5.25 -33.68 -16.29
CA GLY B 178 -6.69 -33.52 -16.43
C GLY B 178 -7.52 -34.36 -15.48
N LEU B 179 -6.94 -35.38 -14.87
CA LEU B 179 -7.66 -36.11 -13.81
C LEU B 179 -7.06 -35.83 -12.45
N SER B 180 -6.08 -34.96 -12.44
CA SER B 180 -5.30 -34.67 -11.28
C SER B 180 -6.11 -33.76 -10.36
N THR B 181 -5.84 -33.79 -9.04
CA THR B 181 -6.55 -32.92 -8.10
C THR B 181 -5.81 -32.63 -6.82
N HIS B 182 -6.32 -31.63 -6.10
CA HIS B 182 -5.84 -31.33 -4.77
C HIS B 182 -6.35 -32.36 -3.80
N PHE B 183 -5.51 -32.72 -2.85
CA PHE B 183 -5.94 -33.58 -1.78
C PHE B 183 -5.59 -32.94 -0.44
N GLU B 184 -6.35 -33.30 0.56
CA GLU B 184 -6.11 -32.80 1.89
C GLU B 184 -5.80 -34.02 2.73
N SER B 185 -4.74 -33.94 3.54
CA SER B 185 -4.39 -35.03 4.44
C SER B 185 -5.58 -35.47 5.32
N THR B 186 -6.51 -34.57 5.57
CA THR B 186 -7.60 -34.85 6.51
C THR B 186 -8.71 -35.70 5.91
N LYS B 187 -9.13 -35.36 4.69
CA LYS B 187 -10.19 -36.10 4.01
C LYS B 187 -9.57 -37.08 3.03
N LYS B 188 -10.33 -38.09 2.60
CA LYS B 188 -9.83 -39.04 1.58
C LYS B 188 -10.67 -38.98 0.29
N MET B 189 -10.06 -39.40 -0.83
CA MET B 189 -10.72 -39.32 -2.14
C MET B 189 -11.55 -40.57 -2.40
N LYS B 190 -12.67 -40.40 -3.11
CA LYS B 190 -13.63 -41.48 -3.37
C LYS B 190 -13.81 -41.83 -4.89
N ASP B 191 -13.78 -40.79 -5.72
CA ASP B 191 -13.83 -40.89 -7.19
C ASP B 191 -13.00 -42.05 -7.71
N LYS B 192 -13.50 -42.81 -8.68
CA LYS B 192 -12.70 -43.87 -9.31
C LYS B 192 -12.09 -43.39 -10.62
N ILE B 193 -10.78 -43.24 -10.59
CA ILE B 193 -10.04 -42.62 -11.67
C ILE B 193 -8.75 -43.36 -11.89
N GLY B 194 -8.35 -43.50 -13.14
CA GLY B 194 -7.15 -44.22 -13.47
C GLY B 194 -7.32 -45.11 -14.67
N THR B 195 -6.41 -46.06 -14.83
CA THR B 195 -6.38 -46.92 -15.99
C THR B 195 -6.08 -48.31 -15.51
N ALA B 196 -6.72 -49.30 -16.12
CA ALA B 196 -6.74 -50.64 -15.56
C ALA B 196 -5.38 -51.13 -15.04
N TYR B 197 -4.37 -51.12 -15.89
CA TYR B 197 -3.10 -51.71 -15.52
C TYR B 197 -2.49 -50.99 -14.34
N TYR B 198 -2.74 -49.68 -14.27
CA TYR B 198 -2.02 -48.72 -13.42
C TYR B 198 -2.73 -48.28 -12.16
N ILE B 199 -4.01 -48.58 -12.08
CA ILE B 199 -4.84 -48.11 -11.01
C ILE B 199 -4.60 -48.93 -9.75
N ALA B 200 -4.54 -48.25 -8.63
CA ALA B 200 -4.25 -48.90 -7.35
C ALA B 200 -5.52 -49.46 -6.73
N PRO B 201 -5.38 -50.57 -5.99
CA PRO B 201 -6.60 -51.23 -5.55
C PRO B 201 -7.52 -50.34 -4.72
N GLU B 202 -6.94 -49.45 -3.92
CA GLU B 202 -7.80 -48.65 -3.06
C GLU B 202 -8.71 -47.74 -3.88
N VAL B 203 -8.29 -47.38 -5.10
CA VAL B 203 -9.05 -46.45 -5.94
C VAL B 203 -10.28 -47.16 -6.44
N LEU B 204 -10.17 -48.46 -6.65
CA LEU B 204 -11.33 -49.24 -7.08
C LEU B 204 -12.33 -49.30 -5.96
N HIS B 205 -11.84 -49.59 -4.75
CA HIS B 205 -12.65 -49.74 -3.55
C HIS B 205 -13.33 -48.45 -3.13
N GLY B 206 -12.65 -47.31 -3.32
CA GLY B 206 -13.28 -45.99 -3.16
C GLY B 206 -12.75 -45.04 -2.10
N THR B 207 -11.79 -45.49 -1.31
CA THR B 207 -11.15 -44.58 -0.35
C THR B 207 -9.63 -44.59 -0.61
N TYR B 208 -9.10 -43.47 -1.09
CA TYR B 208 -7.67 -43.44 -1.39
C TYR B 208 -6.99 -42.09 -1.12
N ASP B 209 -5.66 -42.13 -1.08
CA ASP B 209 -4.80 -40.94 -0.89
C ASP B 209 -3.68 -40.91 -1.95
N GLU B 210 -2.72 -40.01 -1.81
CA GLU B 210 -1.73 -39.85 -2.83
C GLU B 210 -0.89 -41.09 -3.11
N LYS B 211 -0.87 -42.06 -2.20
CA LYS B 211 -0.08 -43.27 -2.44
C LYS B 211 -0.54 -44.03 -3.70
N CYS B 212 -1.77 -43.82 -4.19
CA CYS B 212 -2.12 -44.40 -5.49
C CYS B 212 -1.10 -44.06 -6.60
N ASP B 213 -0.59 -42.81 -6.63
CA ASP B 213 0.44 -42.40 -7.58
C ASP B 213 1.70 -43.24 -7.42
N VAL B 214 1.98 -43.65 -6.17
CA VAL B 214 3.13 -44.54 -5.95
C VAL B 214 2.93 -45.89 -6.63
N TRP B 215 1.80 -46.52 -6.31
CA TRP B 215 1.35 -47.76 -6.96
C TRP B 215 1.48 -47.73 -8.47
N SER B 216 0.87 -46.74 -9.10
CA SER B 216 1.01 -46.52 -10.56
C SER B 216 2.46 -46.51 -11.01
N THR B 217 3.31 -45.75 -10.33
CA THR B 217 4.73 -45.70 -10.66
C THR B 217 5.38 -47.03 -10.44
N GLY B 218 4.86 -47.76 -9.51
CA GLY B 218 5.41 -49.07 -9.23
C GLY B 218 5.08 -50.02 -10.35
N VAL B 219 3.90 -49.83 -10.90
CA VAL B 219 3.49 -50.63 -12.03
C VAL B 219 4.36 -50.25 -13.18
N ILE B 220 4.52 -48.97 -13.37
CA ILE B 220 5.31 -48.54 -14.50
C ILE B 220 6.71 -49.11 -14.39
N LEU B 221 7.29 -49.10 -13.20
CA LEU B 221 8.65 -49.61 -13.04
C LEU B 221 8.75 -51.08 -13.40
N TYR B 222 7.75 -51.86 -13.00
CA TYR B 222 7.69 -53.29 -13.27
C TYR B 222 7.76 -53.52 -14.78
N ILE B 223 6.94 -52.74 -15.50
CA ILE B 223 6.84 -52.82 -16.96
C ILE B 223 8.17 -52.48 -17.62
N LEU B 224 8.81 -51.41 -17.16
CA LEU B 224 10.05 -50.96 -17.78
C LEU B 224 11.13 -52.02 -17.70
N LEU B 225 11.24 -52.65 -16.54
CA LEU B 225 12.24 -53.67 -16.34
C LEU B 225 11.90 -55.01 -16.99
N SER B 226 10.63 -55.38 -17.07
CA SER B 226 10.23 -56.70 -17.65
C SER B 226 9.55 -56.71 -19.01
N GLY B 227 9.01 -55.58 -19.44
CA GLY B 227 8.20 -55.55 -20.65
C GLY B 227 6.76 -55.95 -20.43
N CYS B 228 6.41 -56.49 -19.27
CA CYS B 228 5.03 -56.93 -19.05
C CYS B 228 4.39 -56.22 -17.86
N PRO B 229 3.04 -56.01 -17.91
CA PRO B 229 2.38 -55.46 -16.74
C PRO B 229 2.33 -56.49 -15.66
N PRO B 230 2.22 -56.06 -14.43
CA PRO B 230 2.27 -57.04 -13.36
C PRO B 230 0.94 -57.71 -13.14
N PHE B 231 -0.12 -57.04 -13.62
CA PHE B 231 -1.49 -57.51 -13.51
C PHE B 231 -2.10 -57.48 -14.89
N ASN B 232 -2.48 -58.64 -15.42
CA ASN B 232 -2.99 -58.72 -16.78
C ASN B 232 -4.26 -59.52 -16.85
N GLY B 233 -4.83 -59.53 -18.05
CA GLY B 233 -5.98 -60.35 -18.32
C GLY B 233 -6.48 -60.19 -19.75
N ALA B 234 -7.38 -61.10 -20.14
CA ALA B 234 -8.01 -61.06 -21.44
C ALA B 234 -8.58 -59.67 -21.78
N ASN B 235 -9.12 -58.96 -20.79
CA ASN B 235 -9.69 -57.63 -21.00
C ASN B 235 -9.79 -56.84 -19.68
N GLU B 236 -10.29 -55.61 -19.76
CA GLU B 236 -10.31 -54.64 -18.63
C GLU B 236 -10.74 -55.24 -17.30
N PHE B 237 -11.96 -55.74 -17.29
CA PHE B 237 -12.53 -56.44 -16.17
C PHE B 237 -11.60 -57.49 -15.58
N ASP B 238 -11.07 -58.41 -16.41
CA ASP B 238 -10.13 -59.44 -15.93
C ASP B 238 -8.91 -58.81 -15.25
N ILE B 239 -8.50 -57.66 -15.74
CA ILE B 239 -7.34 -56.98 -15.21
C ILE B 239 -7.65 -56.40 -13.84
N LEU B 240 -8.81 -55.78 -13.72
CA LEU B 240 -9.15 -55.14 -12.47
C LEU B 240 -9.29 -56.14 -11.35
N LYS B 241 -9.76 -57.36 -11.66
CA LYS B 241 -9.83 -58.45 -10.67
C LYS B 241 -8.43 -58.79 -10.24
N LYS B 242 -7.53 -58.96 -11.20
CA LYS B 242 -6.15 -59.29 -10.93
C LYS B 242 -5.52 -58.22 -10.07
N VAL B 243 -5.82 -56.97 -10.44
CA VAL B 243 -5.29 -55.81 -9.71
C VAL B 243 -5.80 -55.84 -8.29
N GLU B 244 -7.09 -55.86 -8.14
CA GLU B 244 -7.72 -55.83 -6.84
C GLU B 244 -7.29 -56.98 -5.90
N LYS B 245 -6.83 -58.11 -6.45
CA LYS B 245 -6.24 -59.20 -5.63
C LYS B 245 -4.85 -58.80 -5.11
N GLY B 246 -4.17 -57.93 -5.85
CA GLY B 246 -2.86 -57.46 -5.49
C GLY B 246 -1.74 -58.39 -5.83
N LYS B 247 -1.98 -59.66 -6.17
CA LYS B 247 -0.88 -60.62 -6.32
C LYS B 247 -0.17 -60.49 -7.64
N PHE B 248 1.15 -60.39 -7.56
CA PHE B 248 2.00 -60.34 -8.71
C PHE B 248 3.21 -61.19 -8.36
N THR B 249 3.98 -61.51 -9.38
CA THR B 249 5.04 -62.46 -9.28
C THR B 249 6.28 -61.94 -9.99
N PHE B 250 7.45 -62.45 -9.64
CA PHE B 250 8.68 -62.25 -10.43
C PHE B 250 9.10 -63.59 -11.03
N ASP B 251 8.09 -64.40 -11.39
CA ASP B 251 8.25 -65.78 -11.87
C ASP B 251 8.64 -65.85 -13.36
N LEU B 252 8.70 -64.73 -14.05
CA LEU B 252 9.00 -64.72 -15.46
C LEU B 252 10.51 -64.76 -15.75
N PRO B 253 10.91 -65.39 -16.87
CA PRO B 253 12.33 -65.55 -17.16
C PRO B 253 13.14 -64.23 -17.15
N GLN B 254 12.56 -63.16 -17.67
CA GLN B 254 13.25 -61.85 -17.70
C GLN B 254 13.72 -61.35 -16.34
N TRP B 255 13.05 -61.77 -15.27
CA TRP B 255 13.42 -61.32 -13.93
C TRP B 255 14.68 -61.98 -13.39
N LYS B 256 15.15 -63.10 -13.96
CA LYS B 256 16.42 -63.68 -13.48
C LYS B 256 17.54 -62.67 -13.76
N LYS B 257 17.35 -61.88 -14.81
CA LYS B 257 18.27 -60.84 -15.20
C LYS B 257 18.04 -59.49 -14.47
N VAL B 258 17.23 -59.45 -13.41
CA VAL B 258 17.14 -58.23 -12.58
C VAL B 258 17.60 -58.39 -11.13
N SER B 259 18.26 -57.35 -10.61
CA SER B 259 18.83 -57.36 -9.24
C SER B 259 17.72 -57.35 -8.20
N GLU B 260 17.98 -57.94 -7.04
CA GLU B 260 17.00 -57.94 -5.96
C GLU B 260 16.59 -56.54 -5.49
N PRO B 261 17.54 -55.58 -5.43
CA PRO B 261 17.12 -54.26 -4.95
C PRO B 261 16.03 -53.60 -5.78
N ALA B 262 16.07 -53.84 -7.08
CA ALA B 262 15.05 -53.30 -7.97
C ALA B 262 13.71 -53.93 -7.65
N LYS B 263 13.72 -55.23 -7.42
CA LYS B 263 12.51 -55.92 -7.03
C LYS B 263 12.01 -55.43 -5.68
N ASP B 264 12.93 -55.21 -4.76
CA ASP B 264 12.60 -54.72 -3.43
C ASP B 264 11.82 -53.40 -3.49
N LEU B 265 12.29 -52.49 -4.28
CA LEU B 265 11.57 -51.25 -4.48
C LEU B 265 10.19 -51.50 -5.06
N ILE B 266 10.14 -52.31 -6.11
CA ILE B 266 8.85 -52.68 -6.72
C ILE B 266 7.90 -53.20 -5.66
N ARG B 267 8.35 -54.11 -4.81
CA ARG B 267 7.50 -54.66 -3.76
C ARG B 267 6.98 -53.58 -2.81
N LYS B 268 7.85 -52.67 -2.39
CA LYS B 268 7.46 -51.55 -1.53
C LYS B 268 6.51 -50.56 -2.17
N MET B 269 6.62 -50.38 -3.47
CA MET B 269 5.76 -49.46 -4.17
C MET B 269 4.40 -50.11 -4.47
N LEU B 270 4.38 -51.43 -4.63
CA LEU B 270 3.13 -52.16 -4.83
C LEU B 270 2.65 -52.90 -3.58
N ALA B 271 2.96 -52.35 -2.41
CA ALA B 271 2.51 -52.95 -1.19
C ALA B 271 1.00 -52.80 -1.21
N TYR B 272 0.28 -53.86 -0.91
CA TYR B 272 -1.16 -53.78 -1.10
C TYR B 272 -1.73 -52.61 -0.30
N VAL B 273 -1.42 -52.58 0.98
CA VAL B 273 -2.06 -51.71 1.92
C VAL B 273 -1.45 -50.30 1.89
N PRO B 274 -2.28 -49.28 1.62
CA PRO B 274 -1.75 -47.90 1.54
C PRO B 274 -0.75 -47.49 2.61
N THR B 275 -1.11 -47.62 3.89
CA THR B 275 -0.23 -47.15 5.00
C THR B 275 1.14 -47.85 5.00
N MET B 276 1.19 -49.09 4.52
CA MET B 276 2.46 -49.81 4.43
C MET B 276 3.26 -49.53 3.16
N ARG B 277 2.72 -48.72 2.29
CA ARG B 277 3.33 -48.55 1.02
C ARG B 277 4.24 -47.35 1.14
N ILE B 278 5.42 -47.45 0.54
CA ILE B 278 6.38 -46.36 0.51
C ILE B 278 5.82 -45.12 -0.14
N SER B 279 6.14 -43.96 0.39
CA SER B 279 5.81 -42.73 -0.29
C SER B 279 6.81 -42.49 -1.43
N ALA B 280 6.45 -41.57 -2.31
CA ALA B 280 7.37 -41.12 -3.35
C ALA B 280 8.60 -40.56 -2.71
N ARG B 281 8.37 -39.64 -1.78
CA ARG B 281 9.46 -39.01 -1.06
C ARG B 281 10.49 -40.01 -0.58
N ASP B 282 10.06 -41.13 -0.02
CA ASP B 282 11.01 -42.12 0.53
C ASP B 282 11.56 -43.04 -0.52
N ALA B 283 10.79 -43.25 -1.57
CA ALA B 283 11.21 -44.11 -2.66
C ALA B 283 12.46 -43.54 -3.31
N LEU B 284 12.54 -42.22 -3.41
CA LEU B 284 13.76 -41.58 -3.94
C LEU B 284 15.05 -41.98 -3.26
N GLU B 285 14.94 -42.39 -2.01
CA GLU B 285 16.13 -42.69 -1.22
C GLU B 285 16.50 -44.15 -1.38
N HIS B 286 15.68 -44.92 -2.09
CA HIS B 286 15.94 -46.36 -2.18
C HIS B 286 17.31 -46.58 -2.81
N GLU B 287 18.01 -47.58 -2.31
CA GLU B 287 19.37 -47.83 -2.72
C GLU B 287 19.43 -48.09 -4.22
N TRP B 288 18.45 -48.81 -4.73
CA TRP B 288 18.41 -49.09 -6.15
C TRP B 288 18.40 -47.85 -7.01
N LEU B 289 17.68 -46.82 -6.58
CA LEU B 289 17.60 -45.64 -7.42
C LEU B 289 18.89 -44.86 -7.72
N LYS B 290 19.97 -45.20 -7.00
CA LYS B 290 21.32 -44.68 -7.27
C LYS B 290 22.07 -45.34 -8.43
N THR B 291 21.40 -46.18 -9.21
CA THR B 291 22.03 -46.96 -10.28
C THR B 291 22.42 -46.12 -11.49
N THR B 292 23.72 -45.95 -11.72
CA THR B 292 24.25 -45.07 -12.78
C THR B 292 25.29 -45.83 -13.57
N ASP B 293 25.70 -45.28 -14.71
CA ASP B 293 26.76 -45.88 -15.50
C ASP B 293 27.97 -44.99 -15.75
N ALA B 294 29.02 -45.62 -16.26
CA ALA B 294 30.26 -44.98 -16.65
C ALA B 294 30.00 -43.68 -17.42
N ASP B 297 33.89 -37.58 -15.36
CA ASP B 297 33.78 -36.63 -16.47
C ASP B 297 32.34 -36.54 -17.00
N SER B 298 31.36 -36.86 -16.16
CA SER B 298 29.96 -36.87 -16.59
C SER B 298 29.41 -35.45 -16.67
N ILE B 299 29.99 -34.52 -15.92
CA ILE B 299 29.67 -33.09 -16.08
C ILE B 299 30.99 -32.35 -16.30
N ASP B 300 31.02 -31.42 -17.27
CA ASP B 300 32.23 -30.66 -17.56
C ASP B 300 32.38 -29.61 -16.49
N VAL B 301 33.49 -29.72 -15.77
CA VAL B 301 33.77 -28.83 -14.67
C VAL B 301 33.53 -27.37 -15.09
N PRO B 302 34.00 -26.96 -16.28
CA PRO B 302 33.72 -25.60 -16.72
C PRO B 302 32.26 -25.19 -16.62
N SER B 303 31.37 -26.02 -17.17
CA SER B 303 29.95 -25.71 -17.17
C SER B 303 29.46 -25.53 -15.76
N LEU B 304 29.89 -26.43 -14.88
CA LEU B 304 29.47 -26.39 -13.49
C LEU B 304 30.01 -25.14 -12.84
N GLU B 305 31.28 -24.85 -13.13
CA GLU B 305 31.91 -23.65 -12.64
C GLU B 305 31.13 -22.39 -13.00
N SER B 306 30.80 -22.26 -14.27
CA SER B 306 30.09 -21.07 -14.76
C SER B 306 28.71 -20.92 -14.16
N THR B 307 27.97 -22.02 -14.07
CA THR B 307 26.63 -21.96 -13.52
C THR B 307 26.71 -21.56 -12.03
N ILE B 308 27.61 -22.18 -11.26
CA ILE B 308 27.80 -21.76 -9.86
C ILE B 308 28.30 -20.32 -9.77
N LEU B 309 29.13 -19.90 -10.71
CA LEU B 309 29.56 -18.50 -10.73
C LEU B 309 28.43 -17.53 -11.03
N ASN B 310 27.64 -17.86 -12.04
CA ASN B 310 26.50 -17.05 -12.44
C ASN B 310 25.52 -16.96 -11.28
N ILE B 311 25.34 -18.04 -10.52
CA ILE B 311 24.43 -18.02 -9.37
C ILE B 311 24.95 -17.12 -8.23
N ARG B 312 26.23 -17.24 -7.92
CA ARG B 312 26.82 -16.44 -6.85
C ARG B 312 26.75 -14.95 -7.12
N GLN B 313 26.84 -14.56 -8.40
CA GLN B 313 26.93 -13.14 -8.75
C GLN B 313 25.58 -12.48 -8.99
N PHE B 314 24.51 -13.25 -8.96
CA PHE B 314 23.15 -12.70 -9.07
C PHE B 314 22.85 -11.95 -7.77
N GLN B 315 22.53 -10.67 -7.91
CA GLN B 315 22.13 -9.85 -6.79
C GLN B 315 20.65 -9.65 -6.97
N GLY B 316 19.92 -9.71 -5.87
CA GLY B 316 18.47 -9.48 -5.92
C GLY B 316 18.22 -8.05 -6.41
N THR B 317 16.99 -7.75 -6.79
CA THR B 317 16.67 -6.42 -7.31
C THR B 317 15.19 -6.13 -7.21
N GLN B 318 14.80 -4.97 -7.72
CA GLN B 318 13.42 -4.55 -7.65
C GLN B 318 12.53 -5.50 -8.47
N LYS B 319 11.25 -5.42 -8.21
CA LYS B 319 10.31 -6.41 -8.68
C LYS B 319 10.15 -6.42 -10.19
N LEU B 320 10.09 -5.26 -10.83
CA LEU B 320 9.98 -5.26 -12.29
C LEU B 320 11.07 -6.15 -12.88
N ALA B 321 12.32 -5.98 -12.47
CA ALA B 321 13.40 -6.80 -13.01
C ALA B 321 13.23 -8.27 -12.66
N ALA B 322 12.76 -8.54 -11.45
CA ALA B 322 12.59 -9.91 -10.98
C ALA B 322 11.60 -10.64 -11.85
N ALA B 323 10.44 -10.04 -12.06
CA ALA B 323 9.46 -10.66 -12.94
C ALA B 323 10.04 -10.87 -14.34
N ALA B 324 10.74 -9.87 -14.84
CA ALA B 324 11.27 -9.90 -16.19
C ALA B 324 12.19 -11.06 -16.33
N LEU B 325 13.06 -11.27 -15.37
CA LEU B 325 14.04 -12.34 -15.48
C LEU B 325 13.37 -13.67 -15.31
N LEU B 326 12.47 -13.77 -14.37
CA LEU B 326 11.85 -15.04 -14.15
C LEU B 326 11.04 -15.38 -15.37
N TYR B 327 10.37 -14.38 -15.94
CA TYR B 327 9.63 -14.60 -17.17
C TYR B 327 10.53 -15.11 -18.29
N MET B 328 11.70 -14.50 -18.40
CA MET B 328 12.62 -14.87 -19.45
C MET B 328 13.15 -16.25 -19.20
N GLY B 329 13.50 -16.53 -17.97
CA GLY B 329 13.93 -17.88 -17.60
C GLY B 329 12.86 -18.96 -17.73
N SER B 330 11.66 -18.69 -17.26
CA SER B 330 10.69 -19.72 -17.10
C SER B 330 9.84 -19.95 -18.36
N LYS B 331 9.55 -18.89 -19.10
CA LYS B 331 8.70 -18.99 -20.31
C LYS B 331 9.39 -18.80 -21.66
N LEU B 332 10.56 -18.20 -21.71
CA LEU B 332 11.14 -17.78 -22.99
C LEU B 332 12.39 -18.54 -23.39
N THR B 333 12.78 -19.52 -22.58
CA THR B 333 13.91 -20.37 -22.92
C THR B 333 13.40 -21.71 -23.45
N THR B 334 14.11 -22.22 -24.43
CA THR B 334 13.76 -23.47 -25.05
C THR B 334 14.38 -24.61 -24.27
N ASN B 335 13.89 -25.80 -24.52
CA ASN B 335 14.46 -26.99 -23.90
C ASN B 335 15.89 -27.17 -24.31
N GLU B 336 16.18 -26.91 -25.60
CA GLU B 336 17.53 -27.08 -26.13
C GLU B 336 18.49 -26.21 -25.32
N GLU B 337 18.07 -24.99 -24.99
CA GLU B 337 18.88 -24.05 -24.19
C GLU B 337 19.17 -24.44 -22.77
N THR B 338 18.30 -25.24 -22.18
CA THR B 338 18.49 -25.56 -20.78
C THR B 338 18.97 -26.99 -20.52
N VAL B 339 19.49 -27.72 -21.49
CA VAL B 339 19.78 -29.13 -21.20
C VAL B 339 20.93 -29.27 -20.19
N GLU B 340 21.98 -28.49 -20.33
CA GLU B 340 23.09 -28.56 -19.37
C GLU B 340 22.52 -28.20 -18.01
N LEU B 341 21.80 -27.08 -17.98
CA LEU B 341 21.26 -26.58 -16.74
C LEU B 341 20.30 -27.56 -16.08
N ASN B 342 19.45 -28.21 -16.84
CA ASN B 342 18.60 -29.29 -16.33
C ASN B 342 19.38 -30.43 -15.64
N LYS B 343 20.48 -30.91 -16.23
CA LYS B 343 21.26 -32.00 -15.60
C LYS B 343 21.84 -31.55 -14.27
N ILE B 344 22.50 -30.40 -14.30
CA ILE B 344 23.15 -29.83 -13.14
C ILE B 344 22.17 -29.76 -11.97
N PHE B 345 20.95 -29.30 -12.22
CA PHE B 345 19.93 -29.16 -11.18
C PHE B 345 19.62 -30.49 -10.50
N GLN B 346 19.44 -31.51 -11.30
CA GLN B 346 19.01 -32.80 -10.80
C GLN B 346 20.15 -33.44 -10.03
N ARG B 347 21.38 -33.10 -10.39
CA ARG B 347 22.52 -33.65 -9.67
C ARG B 347 22.70 -32.84 -8.35
N MET B 348 22.55 -31.52 -8.40
CA MET B 348 22.60 -30.72 -7.21
C MET B 348 21.43 -31.03 -6.28
N ASP B 349 20.37 -31.60 -6.82
CA ASP B 349 19.24 -32.04 -5.98
C ASP B 349 19.51 -33.46 -5.51
N LYS B 350 20.27 -33.57 -4.42
CA LYS B 350 20.67 -34.87 -3.90
C LYS B 350 19.45 -35.68 -3.50
N ASN B 351 18.44 -35.08 -2.90
CA ASN B 351 17.28 -35.85 -2.50
C ASN B 351 16.18 -35.96 -3.57
N GLY B 352 16.45 -35.49 -4.79
CA GLY B 352 15.48 -35.55 -5.90
C GLY B 352 14.17 -34.72 -5.82
N ASP B 353 13.80 -34.18 -4.67
CA ASP B 353 12.43 -33.63 -4.48
C ASP B 353 12.05 -32.44 -5.35
N GLY B 354 12.93 -32.07 -6.29
CA GLY B 354 12.67 -30.95 -7.18
C GLY B 354 12.78 -29.55 -6.60
N GLN B 355 13.46 -29.41 -5.49
CA GLN B 355 13.73 -28.10 -4.91
C GLN B 355 15.16 -28.21 -4.45
N LEU B 356 15.94 -27.14 -4.64
CA LEU B 356 17.29 -27.07 -4.04
C LEU B 356 17.21 -26.37 -2.73
N ASP B 357 17.82 -26.96 -1.71
CA ASP B 357 17.82 -26.35 -0.38
C ASP B 357 19.20 -25.84 0.03
N LYS B 358 19.25 -25.14 1.15
CA LYS B 358 20.51 -24.62 1.69
C LYS B 358 21.62 -25.67 1.63
N GLN B 359 21.35 -26.86 2.15
CA GLN B 359 22.37 -27.89 2.32
C GLN B 359 22.83 -28.49 0.97
N GLU B 360 21.89 -28.64 0.04
CA GLU B 360 22.19 -29.17 -1.26
C GLU B 360 23.03 -28.19 -2.01
N LEU B 361 22.74 -26.90 -1.79
CA LEU B 361 23.42 -25.85 -2.50
C LEU B 361 24.84 -25.74 -1.98
N MET B 362 24.96 -25.97 -0.68
CA MET B 362 26.27 -25.99 -0.02
C MET B 362 27.16 -27.07 -0.61
N GLU B 363 26.57 -28.26 -0.75
CA GLU B 363 27.27 -29.41 -1.30
C GLU B 363 27.60 -29.26 -2.76
N GLY B 364 26.89 -28.40 -3.47
CA GLY B 364 27.22 -28.13 -4.85
C GLY B 364 28.56 -27.45 -4.95
N TYR B 365 28.67 -26.33 -4.24
CA TYR B 365 29.94 -25.63 -4.11
C TYR B 365 31.04 -26.57 -3.68
N VAL B 366 30.78 -27.39 -2.67
CA VAL B 366 31.82 -28.26 -2.12
C VAL B 366 32.22 -29.26 -3.18
N GLU B 367 31.22 -29.93 -3.74
CA GLU B 367 31.40 -30.84 -4.88
C GLU B 367 32.25 -30.21 -5.99
N LEU B 368 31.97 -28.96 -6.33
CA LEU B 368 32.81 -28.25 -7.29
C LEU B 368 34.25 -28.05 -6.81
N MET B 369 34.39 -27.72 -5.53
CA MET B 369 35.69 -27.53 -4.92
C MET B 369 36.55 -28.80 -4.98
N LYS B 370 35.97 -29.94 -4.66
CA LYS B 370 36.64 -31.23 -4.82
C LYS B 370 37.08 -31.45 -6.29
N LEU B 371 36.20 -31.12 -7.24
CA LEU B 371 36.48 -31.26 -8.68
C LEU B 371 37.64 -30.39 -9.15
N LYS B 372 37.89 -29.31 -8.45
CA LYS B 372 39.00 -28.42 -8.74
C LYS B 372 40.25 -28.75 -7.91
N GLY B 373 40.25 -29.92 -7.28
CA GLY B 373 41.38 -30.36 -6.47
C GLY B 373 41.50 -29.62 -5.16
N GLU B 374 40.89 -28.45 -5.07
CA GLU B 374 40.93 -27.66 -3.85
C GLU B 374 40.59 -28.51 -2.63
N ASP B 375 41.54 -28.61 -1.70
CA ASP B 375 41.32 -29.40 -0.50
C ASP B 375 39.97 -29.03 0.12
N VAL B 376 39.12 -30.03 0.30
CA VAL B 376 37.79 -29.83 0.84
C VAL B 376 37.77 -29.53 2.34
N SER B 377 38.52 -30.30 3.10
CA SER B 377 38.56 -30.12 4.56
C SER B 377 39.00 -28.72 4.99
N ALA B 378 39.67 -27.99 4.10
CA ALA B 378 40.15 -26.65 4.43
C ALA B 378 39.16 -25.53 4.14
N LEU B 379 37.90 -25.88 3.88
CA LEU B 379 36.88 -24.88 3.58
C LEU B 379 36.16 -24.46 4.85
N ASP B 380 35.75 -23.21 4.92
CA ASP B 380 35.07 -22.72 6.09
C ASP B 380 33.62 -23.07 5.88
N GLN B 381 33.15 -24.13 6.52
CA GLN B 381 31.79 -24.60 6.29
C GLN B 381 30.75 -23.53 6.64
N SER B 382 30.99 -22.81 7.73
CA SER B 382 30.06 -21.78 8.16
C SER B 382 30.12 -20.57 7.25
N ALA B 383 31.28 -20.30 6.66
CA ALA B 383 31.38 -19.21 5.67
C ALA B 383 30.61 -19.55 4.43
N ILE B 384 30.69 -20.81 4.02
CA ILE B 384 29.95 -21.20 2.83
C ILE B 384 28.45 -21.14 3.12
N GLU B 385 28.08 -21.64 4.31
CA GLU B 385 26.71 -21.62 4.78
C GLU B 385 26.14 -20.22 4.71
N PHE B 386 26.96 -19.25 5.10
CA PHE B 386 26.58 -17.87 5.01
C PHE B 386 26.53 -17.42 3.54
N GLU B 387 27.53 -17.83 2.76
CA GLU B 387 27.61 -17.57 1.33
C GLU B 387 26.28 -18.04 0.69
N VAL B 388 25.85 -19.25 1.04
CA VAL B 388 24.60 -19.84 0.51
C VAL B 388 23.31 -19.22 1.08
N GLU B 389 23.34 -18.81 2.34
CA GLU B 389 22.21 -18.15 2.96
C GLU B 389 21.86 -16.91 2.15
N GLN B 390 22.86 -16.28 1.54
CA GLN B 390 22.66 -15.04 0.78
C GLN B 390 22.28 -15.26 -0.66
N VAL B 391 22.84 -16.26 -1.31
CA VAL B 391 22.35 -16.75 -2.63
C VAL B 391 20.86 -17.08 -2.63
N LEU B 392 20.46 -17.85 -1.66
CA LEU B 392 19.08 -18.17 -1.49
C LEU B 392 18.23 -16.94 -1.37
N ASP B 393 18.65 -16.00 -0.55
CA ASP B 393 17.89 -14.77 -0.37
C ASP B 393 17.70 -14.07 -1.71
N ALA B 394 18.77 -14.04 -2.51
CA ALA B 394 18.78 -13.37 -3.83
C ALA B 394 17.92 -14.03 -4.89
N VAL B 395 18.07 -15.34 -4.99
CA VAL B 395 17.51 -16.10 -6.06
C VAL B 395 16.12 -16.65 -5.77
N ASP B 396 15.77 -16.83 -4.50
CA ASP B 396 14.47 -17.36 -4.13
C ASP B 396 13.38 -16.32 -4.41
N PHE B 397 13.06 -16.21 -5.69
CA PHE B 397 12.07 -15.29 -6.22
C PHE B 397 10.72 -15.32 -5.48
N ASP B 398 10.22 -16.48 -5.06
CA ASP B 398 8.89 -16.54 -4.43
C ASP B 398 8.95 -16.68 -2.94
N LYS B 399 10.17 -16.62 -2.41
CA LYS B 399 10.40 -16.57 -0.98
C LYS B 399 9.79 -17.77 -0.24
N ASN B 400 9.88 -18.96 -0.83
CA ASN B 400 9.34 -20.17 -0.21
C ASN B 400 10.46 -21.01 0.41
N GLY B 401 11.65 -20.42 0.43
CA GLY B 401 12.83 -20.98 1.08
C GLY B 401 13.56 -22.00 0.25
N PHE B 402 13.21 -22.13 -1.02
CA PHE B 402 13.80 -23.17 -1.85
C PHE B 402 14.04 -22.57 -3.20
N ILE B 403 15.09 -23.02 -3.85
CA ILE B 403 15.36 -22.64 -5.20
C ILE B 403 14.77 -23.70 -6.11
N GLU B 404 13.71 -23.34 -6.81
CA GLU B 404 13.06 -24.24 -7.74
C GLU B 404 13.68 -24.11 -9.12
N TYR B 405 13.34 -25.06 -9.95
CA TYR B 405 13.91 -25.18 -11.29
C TYR B 405 13.93 -23.89 -12.11
N SER B 406 12.85 -23.16 -12.18
CA SER B 406 12.81 -22.05 -13.09
C SER B 406 13.64 -20.92 -12.55
N GLU B 407 13.61 -20.80 -11.21
CA GLU B 407 14.42 -19.81 -10.51
C GLU B 407 15.89 -20.10 -10.83
N PHE B 408 16.22 -21.39 -10.75
CA PHE B 408 17.57 -21.86 -11.04
C PHE B 408 17.99 -21.44 -12.44
N VAL B 409 17.12 -21.76 -13.40
CA VAL B 409 17.45 -21.55 -14.82
C VAL B 409 17.66 -20.06 -15.05
N THR B 410 16.73 -19.25 -14.58
CA THR B 410 16.81 -17.81 -14.78
C THR B 410 18.14 -17.24 -14.37
N VAL B 411 18.63 -17.78 -13.27
CA VAL B 411 19.75 -17.21 -12.53
C VAL B 411 21.05 -17.82 -12.99
N ALA B 412 21.02 -19.09 -13.38
CA ALA B 412 22.23 -19.83 -13.67
C ALA B 412 22.64 -19.71 -15.12
N MET B 413 21.72 -19.30 -15.98
CA MET B 413 22.00 -19.25 -17.38
C MET B 413 22.89 -18.03 -17.57
N ASP B 414 23.78 -18.11 -18.55
CA ASP B 414 24.65 -17.00 -18.88
C ASP B 414 23.80 -15.79 -19.29
N ARG B 415 24.01 -14.66 -18.62
CA ARG B 415 23.15 -13.48 -18.76
C ARG B 415 23.13 -12.87 -20.14
N LYS B 416 24.21 -13.02 -20.88
CA LYS B 416 24.28 -12.52 -22.25
C LYS B 416 23.39 -13.39 -23.12
N THR B 417 23.48 -14.70 -22.93
CA THR B 417 22.60 -15.66 -23.59
C THR B 417 21.14 -15.40 -23.24
N LEU B 418 20.85 -15.29 -21.94
CA LEU B 418 19.49 -15.10 -21.46
C LEU B 418 18.96 -13.80 -21.93
N LEU B 419 19.71 -12.73 -21.67
CA LEU B 419 19.30 -11.38 -22.07
C LEU B 419 19.70 -11.15 -23.52
N SER B 420 19.30 -12.09 -24.39
CA SER B 420 19.39 -11.92 -25.83
C SER B 420 18.46 -10.76 -26.18
N ARG B 421 18.73 -10.11 -27.31
CA ARG B 421 17.90 -9.01 -27.83
C ARG B 421 16.42 -9.44 -28.07
N GLN B 422 16.25 -10.70 -28.48
CA GLN B 422 14.93 -11.34 -28.72
C GLN B 422 14.14 -11.43 -27.44
N ARG B 423 14.78 -12.04 -26.47
CA ARG B 423 14.13 -12.37 -25.23
C ARG B 423 13.69 -11.06 -24.57
N LEU B 424 14.59 -10.10 -24.55
CA LEU B 424 14.29 -8.79 -23.98
C LEU B 424 13.07 -8.15 -24.60
N GLU B 425 13.04 -8.14 -25.93
CA GLU B 425 11.95 -7.50 -26.69
C GLU B 425 10.65 -8.18 -26.35
N ARG B 426 10.67 -9.51 -26.42
CA ARG B 426 9.49 -10.32 -26.10
C ARG B 426 8.99 -10.13 -24.67
N ALA B 427 9.91 -10.03 -23.71
CA ALA B 427 9.51 -9.83 -22.33
C ALA B 427 8.78 -8.50 -22.17
N PHE B 428 9.36 -7.43 -22.67
CA PHE B 428 8.72 -6.13 -22.55
C PHE B 428 7.35 -6.13 -23.19
N GLY B 429 7.27 -6.70 -24.39
CA GLY B 429 6.01 -6.85 -25.10
C GLY B 429 4.93 -7.41 -24.21
N MET B 430 5.27 -8.48 -23.48
CA MET B 430 4.33 -9.16 -22.57
C MET B 430 3.94 -8.32 -21.39
N PHE B 431 4.87 -7.54 -20.90
CA PHE B 431 4.59 -6.70 -19.75
C PHE B 431 3.65 -5.57 -20.15
N ASP B 432 3.98 -4.92 -21.26
CA ASP B 432 3.21 -3.80 -21.75
C ASP B 432 1.93 -4.23 -22.41
N ALA B 433 0.94 -4.55 -21.57
CA ALA B 433 -0.33 -5.18 -21.99
C ALA B 433 -1.20 -4.37 -22.99
N ASP B 434 -1.30 -3.07 -22.73
CA ASP B 434 -2.11 -2.13 -23.53
C ASP B 434 -1.35 -1.66 -24.77
N GLY B 435 -0.22 -2.31 -25.08
CA GLY B 435 0.61 -1.94 -26.24
C GLY B 435 1.22 -0.53 -26.23
N SER B 436 1.10 0.20 -25.13
CA SER B 436 1.39 1.63 -25.12
C SER B 436 2.88 1.98 -25.26
N GLY B 437 3.74 0.96 -25.26
CA GLY B 437 5.18 1.17 -25.30
C GLY B 437 5.78 1.61 -23.97
N LYS B 438 4.98 1.53 -22.89
CA LYS B 438 5.44 1.81 -21.52
C LYS B 438 4.78 0.88 -20.49
N ILE B 439 5.60 0.36 -19.58
CA ILE B 439 5.14 -0.45 -18.46
C ILE B 439 4.62 0.42 -17.32
N SER B 440 3.33 0.35 -17.05
CA SER B 440 2.72 1.03 -15.91
C SER B 440 2.62 0.08 -14.70
N SER B 441 2.55 0.69 -13.51
CA SER B 441 2.34 -0.06 -12.29
C SER B 441 1.14 -1.01 -12.41
N SER B 442 0.09 -0.56 -13.10
CA SER B 442 -1.10 -1.40 -13.30
C SER B 442 -0.72 -2.63 -14.11
N GLU B 443 0.03 -2.41 -15.18
CA GLU B 443 0.55 -3.52 -15.97
C GLU B 443 1.39 -4.44 -15.08
N LEU B 444 2.20 -3.85 -14.21
CA LEU B 444 3.01 -4.68 -13.32
C LEU B 444 2.13 -5.52 -12.37
N ALA B 445 1.12 -4.88 -11.81
CA ALA B 445 0.21 -5.61 -10.95
C ALA B 445 -0.39 -6.79 -11.68
N THR B 446 -0.77 -6.55 -12.93
CA THR B 446 -1.37 -7.57 -13.78
C THR B 446 -0.41 -8.73 -13.98
N ILE B 447 0.86 -8.42 -14.21
CA ILE B 447 1.85 -9.45 -14.42
C ILE B 447 1.93 -10.32 -13.18
N PHE B 448 1.90 -9.69 -12.02
CA PHE B 448 1.95 -10.44 -10.76
C PHE B 448 0.68 -11.22 -10.41
N GLY B 449 -0.47 -10.72 -10.85
CA GLY B 449 -1.75 -11.40 -10.61
C GLY B 449 -2.40 -10.82 -9.38
N VAL B 450 -2.19 -9.52 -9.19
CA VAL B 450 -2.61 -8.83 -7.98
C VAL B 450 -3.24 -7.49 -8.40
N SER B 451 -4.12 -6.95 -7.57
CA SER B 451 -5.02 -5.84 -8.00
C SER B 451 -4.27 -4.55 -8.32
N GLU B 452 -3.28 -4.25 -7.50
CA GLU B 452 -2.34 -3.18 -7.79
C GLU B 452 -1.07 -3.40 -6.97
N VAL B 453 0.00 -2.72 -7.33
CA VAL B 453 1.25 -2.84 -6.60
C VAL B 453 1.39 -1.74 -5.55
N ASP B 454 1.90 -2.10 -4.37
CA ASP B 454 2.25 -1.11 -3.32
C ASP B 454 2.98 0.08 -3.91
N SER B 455 2.43 1.26 -3.66
CA SER B 455 3.08 2.50 -4.07
C SER B 455 4.55 2.48 -3.63
N GLU B 456 4.81 1.82 -2.49
CA GLU B 456 6.16 1.61 -1.96
C GLU B 456 7.05 0.77 -2.89
N THR B 457 6.51 -0.31 -3.44
CA THR B 457 7.30 -1.18 -4.32
C THR B 457 7.46 -0.58 -5.72
N TRP B 458 6.44 0.16 -6.19
CA TRP B 458 6.54 0.86 -7.48
C TRP B 458 7.52 2.00 -7.35
N ARG B 459 7.43 2.76 -6.26
CA ARG B 459 8.43 3.77 -5.93
C ARG B 459 9.84 3.15 -6.01
N ARG B 460 10.06 2.04 -5.29
CA ARG B 460 11.36 1.32 -5.30
C ARG B 460 11.83 0.96 -6.71
N VAL B 461 10.87 0.79 -7.63
CA VAL B 461 11.20 0.45 -9.03
C VAL B 461 11.70 1.67 -9.79
N LEU B 462 10.84 2.67 -9.94
CA LEU B 462 11.19 3.84 -10.73
C LEU B 462 12.51 4.41 -10.23
N ALA B 463 12.57 4.67 -8.93
CA ALA B 463 13.79 5.19 -8.32
C ALA B 463 15.06 4.53 -8.84
N GLU B 464 14.96 3.28 -9.29
CA GLU B 464 16.09 2.58 -9.90
C GLU B 464 16.09 2.53 -11.44
N VAL B 465 14.95 2.75 -12.10
CA VAL B 465 14.81 2.51 -13.58
C VAL B 465 14.41 3.71 -14.47
N ASP B 466 13.61 4.63 -13.92
CA ASP B 466 12.96 5.68 -14.70
C ASP B 466 13.88 6.82 -15.16
N ARG B 467 14.47 6.61 -16.33
CA ARG B 467 15.43 7.54 -16.94
C ARG B 467 14.87 8.92 -17.33
N ASN B 468 13.84 8.93 -18.17
CA ASN B 468 13.22 10.18 -18.59
C ASN B 468 12.29 10.68 -17.48
N ASN B 469 11.94 9.81 -16.54
CA ASN B 469 11.38 10.29 -15.26
C ASN B 469 9.92 10.72 -15.44
N ASP B 470 9.20 9.96 -16.27
CA ASP B 470 7.80 10.23 -16.63
C ASP B 470 6.77 9.32 -15.91
N GLY B 471 7.20 8.53 -14.92
CA GLY B 471 6.26 7.69 -14.16
C GLY B 471 6.09 6.29 -14.70
N GLU B 472 6.77 5.98 -15.80
CA GLU B 472 6.64 4.69 -16.45
C GLU B 472 7.97 4.18 -17.00
N VAL B 473 8.01 2.89 -17.32
CA VAL B 473 9.21 2.24 -17.84
C VAL B 473 9.01 1.84 -19.29
N ASP B 474 9.79 2.44 -20.19
CA ASP B 474 9.72 2.15 -21.63
C ASP B 474 10.79 1.13 -22.02
N PHE B 475 10.84 0.79 -23.31
CA PHE B 475 11.76 -0.26 -23.73
C PHE B 475 13.25 0.06 -23.52
N GLU B 476 13.66 1.33 -23.49
CA GLU B 476 15.08 1.63 -23.33
C GLU B 476 15.45 1.52 -21.85
N GLU B 477 14.58 2.13 -21.04
CA GLU B 477 14.59 2.03 -19.59
C GLU B 477 14.64 0.55 -19.15
N PHE B 478 13.75 -0.26 -19.71
CA PHE B 478 13.72 -1.70 -19.46
C PHE B 478 15.06 -2.35 -19.85
N ARG B 479 15.50 -2.07 -21.07
CA ARG B 479 16.69 -2.67 -21.66
C ARG B 479 17.90 -2.51 -20.76
N GLN B 480 18.13 -1.29 -20.27
CA GLN B 480 19.30 -1.00 -19.39
C GLN B 480 19.20 -1.63 -18.00
N MET B 481 17.98 -1.61 -17.46
CA MET B 481 17.70 -2.25 -16.18
C MET B 481 18.31 -3.65 -16.08
N LEU B 482 18.10 -4.48 -17.08
CA LEU B 482 18.61 -5.84 -17.04
C LEU B 482 20.00 -5.93 -17.66
N LEU B 483 20.26 -5.03 -18.60
CA LEU B 483 21.49 -5.12 -19.41
C LEU B 483 22.80 -4.89 -18.66
N LYS B 484 22.74 -4.23 -17.50
CA LYS B 484 23.94 -4.09 -16.67
C LYS B 484 24.26 -5.43 -15.95
N LEU B 485 24.30 -6.49 -16.77
CA LEU B 485 24.28 -7.94 -16.42
C LEU B 485 24.32 -8.28 -14.94
#